data_2V5P
#
_entry.id   2V5P
#
_cell.length_a   165.979
_cell.length_b   117.312
_cell.length_c   116.668
_cell.angle_alpha   90.00
_cell.angle_beta   123.41
_cell.angle_gamma   90.00
#
_symmetry.space_group_name_H-M   'C 1 2 1'
#
loop_
_entity.id
_entity.type
_entity.pdbx_description
1 polymer 'CATION-INDEPENDENT MANNOSE-6-PHOSPHATE RECEPTOR'
2 polymer 'INSULIN-LIKE GROWTH FACTOR II'
3 branched beta-D-mannopyranose-(1-4)-2-acetamido-2-deoxy-beta-D-glucopyranose-(1-4)-2-acetamido-2-deoxy-beta-D-glucopyranose
4 non-polymer 2-acetamido-2-deoxy-beta-D-glucopyranose
#
loop_
_entity_poly.entity_id
_entity_poly.type
_entity_poly.pdbx_seq_one_letter_code
_entity_poly.pdbx_strand_id
1 'polypeptide(L)'
;MKSNEHDDCQVTNPSTGHLFDLSSLSGRAGFTAAYSEKGLVYMSICGENENCPPGVGACFGQTRISVGKANKRLRYVDQV
LQLVYKDGSPCPSKSGLSYKSVISFVCRPEAGPTNRPMLISLDKQTCTLFFSWHTPLACEQATECSVRNGSSIVDLSPLI
HRTGGYEAYDESEDDASDTNPDFYINICQPLNPMHAVPCPAGAAVCKVPIDGPPIDIGRVAGPPILNPIANEIYLNFESS
TPCLADKHFNYTSLIAFHCKRGVSMGTPKLLRTSECDFVFEWETPVVCPDEVRMDGCTLTDEQLLYSFNLSSLSTSTFKV
TRDSRTYSVGVCTFAVGPEQGGCKDGGVCLLSGTKGASFGRLQSMKLDYRHQDEAVVLSYVNGDRCPPETDDGVPCVFPF
IFNGKSYEECIIESRAKLWCSTTADYDRDHEWGFCRHSNSYRTSSIIFKCDEDEDIGRPQVFSEVRGCDVTFEWKTKVVC
PPKKLKHHHHHH
;
A,B
2 'polypeptide(L)' AYRPSETLCGGELVDTLQFVCGDRGFYFSRPASRVSRRSRGIVEECCFRSCDLALLETYCATPAKSE C,D
#
loop_
_chem_comp.id
_chem_comp.type
_chem_comp.name
_chem_comp.formula
BMA D-saccharide, beta linking beta-D-mannopyranose 'C6 H12 O6'
NAG D-saccharide, beta linking 2-acetamido-2-deoxy-beta-D-glucopyranose 'C8 H15 N O6'
#
# COMPACT_ATOMS: atom_id res chain seq x y z
N CYS A 9 8.08 8.66 1.78
CA CYS A 9 6.72 8.14 1.45
C CYS A 9 5.65 8.80 2.33
N GLN A 10 6.02 9.94 2.92
CA GLN A 10 5.14 10.69 3.82
C GLN A 10 5.41 12.18 3.73
N VAL A 11 4.36 12.96 3.50
CA VAL A 11 4.47 14.41 3.41
C VAL A 11 3.40 15.11 4.26
N THR A 12 3.77 16.25 4.84
CA THR A 12 2.87 17.04 5.69
C THR A 12 2.70 18.46 5.16
N ASN A 13 1.46 18.97 5.23
CA ASN A 13 1.17 20.35 4.90
C ASN A 13 1.65 21.26 6.04
N PRO A 14 2.61 22.16 5.75
CA PRO A 14 3.20 23.05 6.77
C PRO A 14 2.19 23.91 7.53
N SER A 15 1.05 24.19 6.91
CA SER A 15 0.02 25.04 7.52
C SER A 15 -0.88 24.29 8.51
N THR A 16 -1.28 23.07 8.14
CA THR A 16 -2.23 22.28 8.95
C THR A 16 -1.58 21.14 9.73
N GLY A 17 -0.45 20.64 9.25
CA GLY A 17 0.24 19.51 9.87
C GLY A 17 -0.45 18.19 9.61
N HIS A 18 -1.19 18.14 8.51
CA HIS A 18 -1.96 16.97 8.11
C HIS A 18 -1.06 15.85 7.60
N LEU A 19 -1.20 14.66 8.18
CA LEU A 19 -0.41 13.49 7.79
C LEU A 19 -0.99 12.84 6.54
N PHE A 20 -0.12 12.63 5.55
CA PHE A 20 -0.49 11.90 4.34
C PHE A 20 0.24 10.57 4.27
N ASP A 21 -0.53 9.49 4.12
CA ASP A 21 0.02 8.14 4.04
C ASP A 21 -0.31 7.51 2.69
N LEU A 22 0.73 7.26 1.89
CA LEU A 22 0.57 6.66 0.57
C LEU A 22 1.18 5.25 0.53
N SER A 23 1.32 4.64 1.69
CA SER A 23 1.97 3.33 1.82
C SER A 23 1.08 2.15 1.41
N SER A 24 -0.18 2.44 1.09
CA SER A 24 -1.12 1.42 0.61
C SER A 24 -0.97 1.14 -0.89
N LEU A 25 0.07 1.73 -1.48
CA LEU A 25 0.37 1.55 -2.90
C LEU A 25 1.82 1.11 -3.10
N SER A 26 2.49 0.77 -2.00
CA SER A 26 3.92 0.44 -2.01
C SER A 26 4.25 -0.96 -2.54
N GLY A 27 3.32 -1.55 -3.30
CA GLY A 27 3.51 -2.86 -3.91
C GLY A 27 4.64 -2.84 -4.92
N ARG A 28 5.60 -3.76 -4.75
CA ARG A 28 6.76 -3.85 -5.63
C ARG A 28 6.38 -4.31 -7.04
N ALA A 29 5.31 -5.10 -7.13
CA ALA A 29 4.72 -5.49 -8.41
C ALA A 29 4.24 -4.27 -9.17
N GLY A 30 3.74 -3.28 -8.43
CA GLY A 30 3.38 -1.99 -8.97
C GLY A 30 2.09 -1.96 -9.77
N PHE A 31 1.98 -0.95 -10.64
CA PHE A 31 0.77 -0.71 -11.42
C PHE A 31 1.16 -0.33 -12.84
N THR A 32 0.21 -0.44 -13.77
CA THR A 32 0.50 -0.19 -15.18
C THR A 32 -0.23 1.05 -15.73
N ALA A 33 0.53 2.12 -15.93
CA ALA A 33 0.01 3.34 -16.55
C ALA A 33 -0.17 3.14 -18.05
N ALA A 34 -1.18 3.79 -18.61
CA ALA A 34 -1.58 3.55 -20.00
C ALA A 34 -1.24 4.70 -20.94
N TYR A 35 -0.56 4.36 -22.04
CA TYR A 35 -0.30 5.30 -23.14
C TYR A 35 -0.62 4.65 -24.48
N SER A 36 -0.76 5.47 -25.52
CA SER A 36 -1.07 5.02 -26.89
C SER A 36 -2.26 4.06 -26.97
N GLU A 37 -2.12 2.99 -27.74
CA GLU A 37 -3.18 1.99 -27.89
C GLU A 37 -2.91 0.74 -27.07
N LYS A 38 -1.70 0.20 -27.19
CA LYS A 38 -1.29 -0.97 -26.42
C LYS A 38 -0.02 -0.71 -25.62
N GLY A 39 0.25 0.58 -25.37
CA GLY A 39 1.43 0.99 -24.62
C GLY A 39 1.34 0.68 -23.15
N LEU A 40 2.46 0.25 -22.57
CA LEU A 40 2.52 -0.14 -21.17
C LEU A 40 3.67 0.55 -20.42
N VAL A 41 3.32 1.40 -19.46
CA VAL A 41 4.30 1.95 -18.53
C VAL A 41 4.20 1.18 -17.22
N TYR A 42 5.08 0.20 -17.05
CA TYR A 42 5.16 -0.55 -15.80
C TYR A 42 5.77 0.38 -14.74
N MET A 43 4.98 0.72 -13.73
CA MET A 43 5.43 1.69 -12.73
C MET A 43 5.09 1.32 -11.28
N SER A 44 5.80 1.93 -10.34
CA SER A 44 5.56 1.72 -8.91
C SER A 44 5.63 3.06 -8.16
N ILE A 45 5.21 3.03 -6.89
CA ILE A 45 5.23 4.21 -6.03
C ILE A 45 6.10 3.94 -4.81
N CYS A 46 6.93 4.93 -4.43
CA CYS A 46 7.84 4.87 -3.28
C CYS A 46 8.93 3.80 -3.39
N GLY A 47 8.70 2.79 -4.24
CA GLY A 47 9.65 1.71 -4.44
C GLY A 47 9.91 1.43 -5.91
N GLU A 48 10.91 0.58 -6.18
CA GLU A 48 11.25 0.17 -7.53
C GLU A 48 10.24 -0.81 -8.10
N ASN A 49 9.99 -0.72 -9.40
CA ASN A 49 9.13 -1.68 -10.09
C ASN A 49 9.89 -2.99 -10.32
N GLU A 50 9.14 -4.07 -10.52
CA GLU A 50 9.74 -5.40 -10.74
C GLU A 50 10.01 -5.71 -12.22
N ASN A 51 9.17 -5.18 -13.10
CA ASN A 51 9.33 -5.34 -14.55
C ASN A 51 10.51 -4.51 -15.05
N CYS A 52 10.70 -3.35 -14.43
CA CYS A 52 11.81 -2.45 -14.75
C CYS A 52 13.09 -2.93 -14.09
N PRO A 53 14.27 -2.47 -14.60
CA PRO A 53 15.55 -2.80 -13.96
C PRO A 53 15.63 -2.29 -12.50
N PRO A 54 16.46 -2.93 -11.67
CA PRO A 54 16.62 -2.53 -10.27
C PRO A 54 16.88 -1.02 -10.12
N GLY A 55 16.19 -0.41 -9.17
CA GLY A 55 16.31 1.03 -8.93
C GLY A 55 15.31 1.86 -9.72
N VAL A 56 14.93 1.36 -10.89
CA VAL A 56 13.99 2.04 -11.78
C VAL A 56 12.55 1.84 -11.31
N GLY A 57 11.87 2.95 -11.06
CA GLY A 57 10.47 2.93 -10.63
C GLY A 57 9.48 2.80 -11.77
N ALA A 58 9.85 3.34 -12.93
CA ALA A 58 8.98 3.34 -14.11
C ALA A 58 9.77 3.19 -15.42
N CYS A 59 9.26 2.38 -16.34
CA CYS A 59 9.95 2.08 -17.60
C CYS A 59 9.03 1.92 -18.81
N PHE A 60 9.60 1.49 -19.94
CA PHE A 60 8.87 1.33 -21.20
C PHE A 60 8.59 -0.13 -21.60
N GLY A 61 8.07 -0.31 -22.81
CA GLY A 61 7.56 -1.61 -23.29
C GLY A 61 8.56 -2.73 -23.44
N GLN A 62 8.74 -3.19 -24.69
CA GLN A 62 9.65 -4.30 -25.01
C GLN A 62 11.04 -4.09 -24.43
N THR A 63 11.57 -2.89 -24.62
CA THR A 63 12.84 -2.50 -24.02
C THR A 63 12.59 -1.78 -22.69
N ARG A 64 13.50 -1.99 -21.74
CA ARG A 64 13.37 -1.44 -20.38
C ARG A 64 13.91 -0.01 -20.27
N ILE A 65 13.36 0.90 -21.06
CA ILE A 65 13.79 2.29 -21.09
C ILE A 65 13.23 3.04 -19.87
N SER A 66 14.13 3.41 -18.96
CA SER A 66 13.77 4.07 -17.71
C SER A 66 13.29 5.51 -17.90
N VAL A 67 12.27 5.89 -17.13
CA VAL A 67 11.81 7.28 -17.08
C VAL A 67 11.97 7.88 -15.68
N GLY A 68 12.92 7.34 -14.92
CA GLY A 68 13.23 7.84 -13.58
C GLY A 68 13.48 6.76 -12.56
N LYS A 69 14.40 7.04 -11.63
CA LYS A 69 14.72 6.13 -10.52
C LYS A 69 13.76 6.36 -9.36
N ALA A 70 13.51 5.30 -8.60
CA ALA A 70 12.55 5.33 -7.49
C ALA A 70 13.13 5.92 -6.20
N ASN A 71 12.39 6.84 -5.59
CA ASN A 71 12.77 7.47 -4.33
C ASN A 71 11.58 7.71 -3.41
N LYS A 72 11.84 8.28 -2.22
CA LYS A 72 10.78 8.61 -1.26
C LYS A 72 10.47 10.12 -1.26
N ARG A 73 11.20 10.88 -2.08
CA ARG A 73 11.07 12.33 -2.16
C ARG A 73 9.63 12.76 -2.46
N LEU A 74 8.90 13.14 -1.40
CA LEU A 74 7.50 13.50 -1.50
C LEU A 74 7.27 14.96 -1.09
N ARG A 75 6.58 15.70 -1.97
CA ARG A 75 6.38 17.13 -1.77
C ARG A 75 4.90 17.49 -1.70
N TYR A 76 4.57 18.47 -0.86
CA TYR A 76 3.23 19.04 -0.84
C TYR A 76 3.22 20.35 -1.62
N VAL A 77 2.62 20.32 -2.81
CA VAL A 77 2.54 21.51 -3.66
C VAL A 77 1.09 21.90 -3.97
N ASP A 78 0.57 22.84 -3.18
CA ASP A 78 -0.78 23.39 -3.32
C ASP A 78 -1.86 22.30 -3.47
N GLN A 79 -2.15 21.63 -2.34
CA GLN A 79 -3.15 20.55 -2.27
C GLN A 79 -2.73 19.24 -2.94
N VAL A 80 -1.55 19.22 -3.56
CA VAL A 80 -1.08 18.06 -4.32
C VAL A 80 0.17 17.44 -3.68
N LEU A 81 0.31 16.12 -3.82
CA LEU A 81 1.48 15.41 -3.31
C LEU A 81 2.34 14.88 -4.47
N GLN A 82 3.36 15.64 -4.85
CA GLN A 82 4.22 15.28 -5.98
C GLN A 82 5.30 14.26 -5.64
N LEU A 83 5.54 13.36 -6.58
CA LEU A 83 6.62 12.38 -6.47
C LEU A 83 7.52 12.51 -7.70
N VAL A 84 8.81 12.75 -7.47
CA VAL A 84 9.75 13.02 -8.55
C VAL A 84 10.71 11.85 -8.78
N TYR A 85 10.59 11.22 -9.95
CA TYR A 85 11.53 10.17 -10.37
C TYR A 85 12.59 10.78 -11.30
N LYS A 86 13.82 10.86 -10.80
CA LYS A 86 14.92 11.51 -11.53
C LYS A 86 15.97 10.51 -12.06
N ASP A 87 16.89 11.02 -12.88
CA ASP A 87 18.06 10.28 -13.37
C ASP A 87 17.73 8.95 -14.05
N GLY A 88 16.98 9.03 -15.14
CA GLY A 88 16.67 7.85 -15.96
C GLY A 88 17.71 7.63 -17.04
N SER A 89 17.30 6.95 -18.12
CA SER A 89 18.17 6.75 -19.28
C SER A 89 18.20 8.02 -20.12
N PRO A 90 19.36 8.32 -20.74
CA PRO A 90 19.51 9.52 -21.59
C PRO A 90 18.48 9.63 -22.70
N CYS A 91 17.93 10.83 -22.88
CA CYS A 91 16.95 11.11 -23.92
C CYS A 91 17.58 11.88 -25.10
N PRO A 92 17.12 11.58 -26.34
CA PRO A 92 17.57 12.19 -27.60
C PRO A 92 18.03 13.65 -27.50
N SER A 93 17.07 14.58 -27.44
CA SER A 93 17.30 16.04 -27.37
C SER A 93 18.75 16.54 -27.52
N LYS A 94 19.45 16.66 -26.40
CA LYS A 94 20.83 17.15 -26.35
C LYS A 94 21.65 16.37 -25.34
N SER A 95 22.95 16.67 -25.27
CA SER A 95 23.89 15.95 -24.39
C SER A 95 23.58 16.13 -22.91
N GLY A 96 23.65 15.02 -22.17
CA GLY A 96 23.48 15.03 -20.71
C GLY A 96 22.06 14.84 -20.22
N LEU A 97 21.08 15.09 -21.10
CA LEU A 97 19.67 15.05 -20.71
C LEU A 97 19.13 13.63 -20.62
N SER A 98 18.53 13.32 -19.46
CA SER A 98 17.92 12.02 -19.20
C SER A 98 16.41 12.16 -18.97
N TYR A 99 15.71 11.04 -18.99
CA TYR A 99 14.27 11.02 -18.73
C TYR A 99 13.95 11.20 -17.26
N LYS A 100 12.84 11.88 -16.98
CA LYS A 100 12.34 12.06 -15.62
C LYS A 100 10.81 12.09 -15.59
N SER A 101 10.24 11.70 -14.45
CA SER A 101 8.78 11.62 -14.30
C SER A 101 8.28 12.28 -13.01
N VAL A 102 7.31 13.17 -13.15
CA VAL A 102 6.63 13.78 -12.01
C VAL A 102 5.24 13.17 -11.81
N ILE A 103 5.13 12.33 -10.79
CA ILE A 103 3.87 11.64 -10.49
C ILE A 103 3.14 12.35 -9.36
N SER A 104 2.06 13.06 -9.73
CA SER A 104 1.29 13.85 -8.77
C SER A 104 0.12 13.06 -8.18
N PHE A 105 -0.26 13.43 -6.96
CA PHE A 105 -1.41 12.83 -6.29
C PHE A 105 -2.45 13.89 -5.92
N VAL A 106 -3.54 13.92 -6.69
CA VAL A 106 -4.58 14.94 -6.55
C VAL A 106 -5.74 14.40 -5.71
N CYS A 107 -6.35 15.27 -4.92
CA CYS A 107 -7.46 14.90 -4.04
C CYS A 107 -8.73 14.58 -4.83
N ARG A 108 -9.35 13.45 -4.47
CA ARG A 108 -10.60 13.01 -5.07
C ARG A 108 -11.39 12.15 -4.07
N PRO A 109 -12.33 12.77 -3.32
CA PRO A 109 -13.12 12.09 -2.28
C PRO A 109 -13.99 10.95 -2.81
N GLU A 110 -14.48 11.09 -4.04
CA GLU A 110 -15.31 10.07 -4.67
C GLU A 110 -14.45 8.88 -5.13
N ALA A 111 -14.62 7.75 -4.44
CA ALA A 111 -13.90 6.52 -4.77
C ALA A 111 -14.52 5.82 -5.98
N GLY A 112 -13.70 5.09 -6.72
CA GLY A 112 -14.15 4.39 -7.92
C GLY A 112 -13.03 3.79 -8.75
N PRO A 113 -13.35 3.37 -9.99
CA PRO A 113 -12.38 2.70 -10.86
C PRO A 113 -11.34 3.64 -11.47
N THR A 114 -11.70 4.90 -11.71
CA THR A 114 -10.76 5.86 -12.31
C THR A 114 -9.68 6.35 -11.32
N ASN A 115 -9.55 5.62 -10.21
CA ASN A 115 -8.50 5.88 -9.22
C ASN A 115 -7.21 5.13 -9.57
N ARG A 116 -6.62 5.49 -10.70
CA ARG A 116 -5.40 4.86 -11.22
C ARG A 116 -4.44 5.91 -11.79
N PRO A 117 -3.14 5.58 -11.88
CA PRO A 117 -2.18 6.50 -12.49
C PRO A 117 -2.40 6.66 -14.00
N MET A 118 -2.67 7.89 -14.42
CA MET A 118 -2.90 8.21 -15.83
C MET A 118 -1.74 9.04 -16.39
N LEU A 119 -1.52 8.94 -17.69
CA LEU A 119 -0.57 9.82 -18.37
C LEU A 119 -1.31 10.97 -19.02
N ILE A 120 -1.25 12.13 -18.38
CA ILE A 120 -1.96 13.34 -18.83
C ILE A 120 -1.32 13.96 -20.08
N SER A 121 -0.01 14.21 -20.00
CA SER A 121 0.77 14.74 -21.14
C SER A 121 2.29 14.66 -20.90
N LEU A 122 3.06 15.09 -21.89
CA LEU A 122 4.52 15.04 -21.88
C LEU A 122 5.13 16.30 -22.49
N ASP A 123 6.21 16.80 -21.88
CA ASP A 123 7.00 17.86 -22.46
C ASP A 123 8.18 17.25 -23.22
N LYS A 124 8.30 17.60 -24.50
CA LYS A 124 9.33 17.03 -25.37
C LYS A 124 10.73 17.52 -25.00
N GLN A 125 10.88 18.83 -24.81
CA GLN A 125 12.18 19.46 -24.59
C GLN A 125 12.89 18.95 -23.33
N THR A 126 12.24 19.10 -22.17
CA THR A 126 12.86 18.80 -20.88
C THR A 126 12.85 17.31 -20.53
N CYS A 127 12.28 16.48 -21.42
CA CYS A 127 12.16 15.04 -21.21
C CYS A 127 11.51 14.71 -19.86
N THR A 128 10.37 15.36 -19.59
CA THR A 128 9.65 15.20 -18.34
C THR A 128 8.25 14.65 -18.57
N LEU A 129 7.92 13.58 -17.86
CA LEU A 129 6.61 12.94 -17.96
C LEU A 129 5.69 13.41 -16.83
N PHE A 130 4.57 14.04 -17.20
CA PHE A 130 3.56 14.46 -16.23
C PHE A 130 2.62 13.30 -15.92
N PHE A 131 2.49 12.99 -14.63
CA PHE A 131 1.57 11.94 -14.18
C PHE A 131 0.57 12.48 -13.16
N SER A 132 -0.66 11.97 -13.24
CA SER A 132 -1.73 12.37 -12.33
C SER A 132 -2.43 11.13 -11.77
N TRP A 133 -2.57 11.09 -10.45
CA TRP A 133 -3.29 10.02 -9.77
C TRP A 133 -4.29 10.62 -8.79
N HIS A 134 -5.57 10.34 -9.01
CA HIS A 134 -6.63 10.93 -8.20
C HIS A 134 -7.21 9.92 -7.21
N THR A 135 -6.85 10.09 -5.93
CA THR A 135 -7.30 9.20 -4.85
C THR A 135 -7.80 9.98 -3.64
N PRO A 136 -8.70 9.37 -2.85
CA PRO A 136 -9.09 9.93 -1.55
C PRO A 136 -7.95 9.89 -0.54
N LEU A 137 -6.89 9.13 -0.85
CA LEU A 137 -5.70 9.04 -0.01
C LEU A 137 -4.96 10.38 0.10
N ALA A 138 -5.14 11.23 -0.91
CA ALA A 138 -4.49 12.53 -0.98
C ALA A 138 -5.42 13.68 -0.61
N CYS A 139 -6.36 13.41 0.31
CA CYS A 139 -7.35 14.41 0.72
C CYS A 139 -7.24 14.79 2.19
N GLU A 140 -7.15 16.09 2.44
CA GLU A 140 -7.02 16.65 3.78
C GLU A 140 -8.38 17.04 4.36
N GLN A 141 -9.05 17.98 3.70
CA GLN A 141 -10.37 18.46 4.13
C GLN A 141 -11.49 17.59 3.57
N ALA A 142 -12.73 17.96 3.89
CA ALA A 142 -13.90 17.33 3.30
C ALA A 142 -14.27 18.05 2.00
N THR A 143 -15.43 17.68 1.44
CA THR A 143 -15.91 18.29 0.21
C THR A 143 -16.90 19.42 0.52
N GLU A 144 -16.36 20.55 0.97
CA GLU A 144 -17.17 21.75 1.24
C GLU A 144 -17.71 22.30 -0.07
N CYS A 145 -19.02 22.16 -0.27
CA CYS A 145 -19.65 22.53 -1.53
C CYS A 145 -21.05 23.12 -1.33
N SER A 146 -21.52 23.12 -0.08
CA SER A 146 -22.85 23.62 0.26
C SER A 146 -22.83 24.84 1.17
N VAL A 147 -23.70 25.80 0.87
CA VAL A 147 -23.87 27.01 1.69
C VAL A 147 -25.34 27.18 2.08
N ARG A 148 -25.59 28.00 3.11
CA ARG A 148 -26.94 28.15 3.66
C ARG A 148 -27.61 29.45 3.23
N ASN A 149 -28.80 29.33 2.63
CA ASN A 149 -29.64 30.47 2.27
C ASN A 149 -30.88 30.51 3.16
N GLY A 150 -30.67 30.95 4.40
CA GLY A 150 -31.74 30.97 5.40
C GLY A 150 -31.83 29.66 6.15
N SER A 151 -32.98 28.99 6.02
CA SER A 151 -33.21 27.69 6.64
C SER A 151 -32.91 26.55 5.68
N SER A 152 -33.10 26.81 4.39
CA SER A 152 -32.83 25.82 3.35
C SER A 152 -31.39 25.90 2.86
N ILE A 153 -30.73 24.73 2.80
CA ILE A 153 -29.33 24.64 2.39
C ILE A 153 -29.21 24.39 0.89
N VAL A 154 -28.35 25.17 0.23
CA VAL A 154 -28.11 25.04 -1.22
C VAL A 154 -26.77 24.37 -1.46
N ASP A 155 -26.76 23.35 -2.31
CA ASP A 155 -25.56 22.57 -2.61
C ASP A 155 -25.19 22.66 -4.09
N LEU A 156 -23.90 22.55 -4.38
CA LEU A 156 -23.39 22.60 -5.75
C LEU A 156 -22.78 21.26 -6.18
N SER A 157 -23.01 20.22 -5.37
CA SER A 157 -22.42 18.89 -5.58
C SER A 157 -22.77 18.20 -6.92
N PRO A 158 -23.99 18.41 -7.46
CA PRO A 158 -24.29 17.84 -8.77
C PRO A 158 -23.47 18.45 -9.92
N LEU A 159 -23.02 19.69 -9.76
CA LEU A 159 -22.28 20.39 -10.80
C LEU A 159 -20.81 19.97 -10.91
N ILE A 160 -20.36 19.10 -10.01
CA ILE A 160 -18.98 18.62 -10.03
C ILE A 160 -18.73 17.75 -11.25
N HIS A 161 -17.84 18.21 -12.13
CA HIS A 161 -17.39 17.44 -13.28
C HIS A 161 -16.43 16.37 -12.78
N ARG A 162 -16.78 15.10 -13.01
CA ARG A 162 -16.02 13.97 -12.46
C ARG A 162 -15.32 13.11 -13.53
N THR A 163 -15.33 13.59 -14.78
CA THR A 163 -14.66 12.90 -15.88
C THR A 163 -13.58 13.76 -16.52
N GLY A 164 -13.78 15.07 -16.50
CA GLY A 164 -12.84 16.03 -17.05
C GLY A 164 -13.11 17.42 -16.52
N GLY A 165 -13.64 18.29 -17.38
CA GLY A 165 -13.97 19.65 -17.00
C GLY A 165 -14.94 20.33 -17.95
N TYR A 166 -15.24 21.59 -17.66
CA TYR A 166 -16.12 22.42 -18.49
C TYR A 166 -15.29 23.27 -19.43
N GLU A 167 -15.51 23.10 -20.74
CA GLU A 167 -14.82 23.90 -21.75
C GLU A 167 -15.43 25.29 -21.85
N ALA A 168 -14.58 26.31 -21.85
CA ALA A 168 -15.04 27.69 -21.88
C ALA A 168 -15.23 28.23 -23.30
N TYR A 169 -16.11 29.22 -23.41
CA TYR A 169 -16.48 29.84 -24.68
C TYR A 169 -15.32 30.64 -25.30
N ASP A 170 -15.15 30.51 -26.60
CA ASP A 170 -14.17 31.30 -27.37
C ASP A 170 -14.66 32.75 -27.44
N GLU A 171 -14.26 33.54 -26.43
CA GLU A 171 -14.77 34.90 -26.21
C GLU A 171 -14.61 35.85 -27.39
N SER A 172 -13.43 35.84 -28.02
CA SER A 172 -13.13 36.73 -29.14
C SER A 172 -12.09 36.11 -30.06
N THR A 179 -11.99 20.92 -31.91
CA THR A 179 -12.42 22.15 -31.25
C THR A 179 -11.27 22.82 -30.49
N ASN A 180 -11.14 24.13 -30.67
CA ASN A 180 -10.11 24.91 -29.98
C ASN A 180 -10.68 25.61 -28.75
N PRO A 181 -10.24 25.18 -27.54
CA PRO A 181 -10.74 25.70 -26.27
C PRO A 181 -9.95 26.91 -25.77
N ASP A 182 -10.35 27.43 -24.61
CA ASP A 182 -9.62 28.53 -23.96
C ASP A 182 -9.43 28.30 -22.46
N PHE A 183 -10.48 27.84 -21.78
CA PHE A 183 -10.42 27.58 -20.34
C PHE A 183 -11.03 26.23 -19.95
N TYR A 184 -10.58 25.68 -18.82
CA TYR A 184 -11.14 24.45 -18.23
C TYR A 184 -11.47 24.67 -16.75
N ILE A 185 -12.68 24.27 -16.35
CA ILE A 185 -13.22 24.65 -15.03
C ILE A 185 -13.79 23.46 -14.24
N ASN A 186 -13.50 23.43 -12.94
CA ASN A 186 -14.07 22.47 -11.99
C ASN A 186 -14.35 23.16 -10.66
N ILE A 187 -15.60 23.13 -10.20
CA ILE A 187 -16.07 24.05 -9.15
C ILE A 187 -16.23 23.52 -7.71
N CYS A 188 -15.42 22.54 -7.32
CA CYS A 188 -15.31 22.12 -5.91
C CYS A 188 -14.09 21.24 -5.68
N GLN A 189 -14.01 20.15 -6.44
CA GLN A 189 -12.82 19.30 -6.47
C GLN A 189 -11.87 19.82 -7.55
N PRO A 190 -10.56 19.51 -7.43
CA PRO A 190 -9.62 19.93 -8.47
C PRO A 190 -9.94 19.32 -9.84
N LEU A 191 -9.51 19.99 -10.90
CA LEU A 191 -9.79 19.58 -12.28
C LEU A 191 -9.31 18.15 -12.57
N ASN A 192 -10.18 17.36 -13.20
CA ASN A 192 -9.88 15.98 -13.57
C ASN A 192 -8.93 15.89 -14.76
N PRO A 193 -8.02 14.89 -14.76
CA PRO A 193 -6.98 14.83 -15.78
C PRO A 193 -7.52 14.46 -17.15
N MET A 194 -7.39 15.39 -18.09
CA MET A 194 -7.76 15.16 -19.48
C MET A 194 -6.57 14.58 -20.25
N HIS A 195 -6.72 14.46 -21.56
CA HIS A 195 -5.65 13.93 -22.41
C HIS A 195 -4.97 15.02 -23.24
N ALA A 196 -3.64 14.95 -23.32
CA ALA A 196 -2.81 15.84 -24.14
C ALA A 196 -2.79 17.31 -23.72
N VAL A 197 -3.65 17.67 -22.77
CA VAL A 197 -3.69 19.04 -22.23
C VAL A 197 -3.11 19.04 -20.82
N PRO A 198 -1.87 19.54 -20.66
CA PRO A 198 -1.19 19.49 -19.37
C PRO A 198 -1.54 20.65 -18.44
N CYS A 199 -2.80 20.68 -18.01
CA CYS A 199 -3.24 21.58 -16.94
C CYS A 199 -2.65 21.07 -15.63
N PRO A 200 -1.79 21.88 -14.98
CA PRO A 200 -1.08 21.47 -13.76
C PRO A 200 -2.00 20.78 -12.76
N ALA A 201 -1.61 19.57 -12.36
CA ALA A 201 -2.42 18.74 -11.47
C ALA A 201 -2.81 19.48 -10.19
N GLY A 202 -4.10 19.50 -9.90
CA GLY A 202 -4.62 20.20 -8.72
C GLY A 202 -5.32 21.51 -9.04
N ALA A 203 -5.06 22.04 -10.24
CA ALA A 203 -5.69 23.28 -10.69
C ALA A 203 -7.20 23.16 -10.81
N ALA A 204 -7.90 24.26 -10.56
CA ALA A 204 -9.35 24.30 -10.70
C ALA A 204 -9.74 25.01 -11.99
N VAL A 205 -9.21 26.22 -12.18
CA VAL A 205 -9.40 26.98 -13.42
C VAL A 205 -8.09 26.97 -14.20
N CYS A 206 -8.16 26.65 -15.49
CA CYS A 206 -6.99 26.50 -16.34
C CYS A 206 -7.09 27.40 -17.57
N LYS A 207 -6.01 28.11 -17.87
CA LYS A 207 -5.94 28.97 -19.05
C LYS A 207 -4.99 28.35 -20.07
N VAL A 208 -5.51 28.12 -21.28
CA VAL A 208 -4.70 27.55 -22.37
C VAL A 208 -4.58 28.57 -23.50
N PRO A 209 -3.39 29.19 -23.64
CA PRO A 209 -3.12 30.13 -24.74
C PRO A 209 -2.68 29.41 -26.01
N ILE A 210 -2.83 30.08 -27.16
CA ILE A 210 -2.43 29.53 -28.46
C ILE A 210 -0.92 29.28 -28.51
N ASP A 211 -0.16 30.25 -28.02
CA ASP A 211 1.30 30.11 -27.93
C ASP A 211 1.73 30.13 -26.47
N GLY A 212 2.08 28.95 -25.95
CA GLY A 212 2.48 28.79 -24.56
C GLY A 212 1.70 27.70 -23.85
N PRO A 213 2.33 27.03 -22.87
CA PRO A 213 1.71 25.96 -22.09
C PRO A 213 0.56 26.47 -21.21
N PRO A 214 -0.33 25.56 -20.74
CA PRO A 214 -1.40 25.96 -19.83
C PRO A 214 -0.87 26.58 -18.54
N ILE A 215 -1.58 27.57 -18.02
CA ILE A 215 -1.18 28.26 -16.80
C ILE A 215 -2.25 28.20 -15.72
N ASP A 216 -1.81 28.03 -14.46
CA ASP A 216 -2.71 27.92 -13.32
C ASP A 216 -3.31 29.26 -12.94
N ILE A 217 -4.55 29.50 -13.37
CA ILE A 217 -5.28 30.72 -12.99
C ILE A 217 -6.39 30.43 -11.98
N GLY A 218 -6.40 29.21 -11.44
CA GLY A 218 -7.44 28.81 -10.49
C GLY A 218 -7.13 27.59 -9.65
N ARG A 219 -7.21 27.74 -8.34
CA ARG A 219 -7.14 26.63 -7.38
C ARG A 219 -8.21 26.85 -6.32
N VAL A 220 -8.95 25.79 -5.99
CA VAL A 220 -10.08 25.87 -5.06
C VAL A 220 -9.71 26.45 -3.70
N ALA A 221 -10.38 27.54 -3.33
CA ALA A 221 -10.10 28.25 -2.08
C ALA A 221 -10.95 27.73 -0.92
N GLY A 222 -12.21 28.18 -0.84
CA GLY A 222 -13.12 27.76 0.21
C GLY A 222 -14.49 27.38 -0.32
N PRO A 223 -15.45 27.13 0.58
CA PRO A 223 -16.84 26.89 0.18
C PRO A 223 -17.49 28.17 -0.36
N PRO A 224 -18.53 28.02 -1.21
CA PRO A 224 -19.20 29.16 -1.85
C PRO A 224 -19.71 30.21 -0.85
N ILE A 225 -19.57 31.48 -1.20
CA ILE A 225 -20.06 32.58 -0.37
C ILE A 225 -21.40 33.11 -0.88
N LEU A 226 -22.17 33.76 0.00
CA LEU A 226 -23.52 34.20 -0.34
C LEU A 226 -23.66 35.73 -0.27
N ASN A 227 -24.32 36.28 -1.30
CA ASN A 227 -24.62 37.71 -1.35
C ASN A 227 -25.96 38.02 -0.68
N PRO A 228 -25.96 38.94 0.30
CA PRO A 228 -27.17 39.27 1.05
C PRO A 228 -28.29 39.91 0.22
N ILE A 229 -27.94 40.79 -0.72
CA ILE A 229 -28.93 41.59 -1.45
C ILE A 229 -29.67 40.80 -2.53
N ALA A 230 -29.13 40.77 -3.75
CA ALA A 230 -29.80 40.16 -4.90
C ALA A 230 -29.65 38.63 -4.95
N ASN A 231 -29.28 38.05 -3.81
CA ASN A 231 -29.07 36.61 -3.65
C ASN A 231 -28.26 35.91 -4.76
N GLU A 232 -27.00 36.30 -4.86
CA GLU A 232 -26.06 35.66 -5.76
C GLU A 232 -25.04 34.85 -4.94
N ILE A 233 -24.54 33.78 -5.53
CA ILE A 233 -23.51 32.98 -4.87
C ILE A 233 -22.20 33.10 -5.64
N TYR A 234 -21.12 33.36 -4.91
CA TYR A 234 -19.79 33.46 -5.52
C TYR A 234 -18.87 32.34 -5.04
N LEU A 235 -17.88 32.02 -5.85
CA LEU A 235 -16.89 31.00 -5.51
C LEU A 235 -15.49 31.42 -5.98
N ASN A 236 -14.55 31.47 -5.04
CA ASN A 236 -13.21 31.99 -5.29
C ASN A 236 -12.19 30.91 -5.68
N PHE A 237 -11.32 31.25 -6.60
CA PHE A 237 -10.26 30.36 -7.08
C PHE A 237 -8.95 31.12 -7.27
N GLU A 238 -8.05 30.99 -6.30
CA GLU A 238 -6.77 31.72 -6.31
C GLU A 238 -5.72 31.05 -7.21
N SER A 239 -4.44 31.16 -6.84
CA SER A 239 -3.36 30.71 -7.71
C SER A 239 -2.08 30.28 -6.97
N SER A 240 -1.13 29.78 -7.75
CA SER A 240 0.21 29.42 -7.27
C SER A 240 1.29 30.03 -8.17
N THR A 241 0.85 30.81 -9.16
CA THR A 241 1.75 31.47 -10.12
C THR A 241 1.41 32.97 -10.24
N PRO A 242 2.44 33.83 -10.39
CA PRO A 242 2.24 35.29 -10.30
C PRO A 242 1.71 35.95 -11.58
N CYS A 243 1.08 37.10 -11.41
CA CYS A 243 0.52 37.89 -12.52
C CYS A 243 1.61 38.73 -13.21
N LEU A 244 1.22 39.50 -14.23
CA LEU A 244 2.15 40.36 -14.94
C LEU A 244 2.12 41.81 -14.44
N ALA A 245 1.83 41.97 -13.15
CA ALA A 245 1.78 43.27 -12.49
C ALA A 245 2.16 43.14 -11.01
N ASP A 246 2.43 41.90 -10.59
CA ASP A 246 2.82 41.60 -9.21
C ASP A 246 3.76 40.40 -9.18
N ASN A 250 0.15 37.49 -7.74
CA ASN A 250 -0.67 36.29 -7.75
C ASN A 250 -1.95 36.42 -8.56
N TYR A 251 -2.20 35.42 -9.41
CA TYR A 251 -3.42 35.36 -10.22
C TYR A 251 -4.64 35.05 -9.37
N THR A 252 -5.83 35.33 -9.91
CA THR A 252 -7.09 35.04 -9.24
C THR A 252 -8.24 34.85 -10.24
N SER A 253 -9.23 34.05 -9.85
CA SER A 253 -10.41 33.80 -10.68
C SER A 253 -11.66 33.64 -9.80
N LEU A 254 -12.69 34.42 -10.12
CA LEU A 254 -13.95 34.38 -9.38
C LEU A 254 -15.11 33.98 -10.29
N ILE A 255 -16.01 33.15 -9.76
CA ILE A 255 -17.19 32.70 -10.49
C ILE A 255 -18.47 33.16 -9.81
N ALA A 256 -19.28 33.92 -10.54
CA ALA A 256 -20.58 34.41 -10.05
C ALA A 256 -21.72 33.54 -10.58
N PHE A 257 -22.73 33.34 -9.74
CA PHE A 257 -23.85 32.46 -10.07
C PHE A 257 -25.19 33.19 -10.14
N HIS A 258 -26.00 32.80 -11.12
CA HIS A 258 -27.37 33.32 -11.29
C HIS A 258 -28.41 32.23 -11.07
N CYS A 259 -29.68 32.62 -11.15
CA CYS A 259 -30.78 31.68 -11.10
C CYS A 259 -31.50 31.62 -12.45
N LYS A 260 -31.19 30.59 -13.23
CA LYS A 260 -31.81 30.39 -14.55
C LYS A 260 -32.48 29.03 -14.63
N ARG A 261 -33.79 29.03 -14.41
CA ARG A 261 -34.59 27.80 -14.46
C ARG A 261 -34.78 27.32 -15.89
N GLY A 262 -34.63 26.01 -16.09
CA GLY A 262 -34.77 25.41 -17.41
C GLY A 262 -34.22 24.01 -17.52
N VAL A 263 -34.23 23.46 -18.74
CA VAL A 263 -33.73 22.12 -19.00
C VAL A 263 -32.21 22.01 -18.84
N SER A 264 -31.49 23.03 -19.34
CA SER A 264 -30.04 23.08 -19.23
C SER A 264 -29.59 23.33 -17.80
N MET A 265 -28.46 22.76 -17.43
CA MET A 265 -27.86 23.00 -16.12
C MET A 265 -26.83 24.12 -16.19
N GLY A 266 -26.66 24.70 -17.37
CA GLY A 266 -25.74 25.82 -17.58
C GLY A 266 -24.29 25.42 -17.66
N THR A 267 -23.46 26.35 -18.12
CA THR A 267 -22.01 26.14 -18.23
C THR A 267 -21.27 27.45 -17.96
N PRO A 268 -20.17 27.40 -17.19
CA PRO A 268 -19.44 28.61 -16.81
C PRO A 268 -18.88 29.37 -18.02
N LYS A 269 -19.46 30.55 -18.27
CA LYS A 269 -19.04 31.42 -19.36
C LYS A 269 -18.22 32.60 -18.84
N LEU A 270 -17.34 33.12 -19.69
CA LEU A 270 -16.47 34.24 -19.33
C LEU A 270 -17.12 35.58 -19.68
N LEU A 271 -17.01 36.56 -18.78
CA LEU A 271 -17.61 37.88 -19.03
C LEU A 271 -16.61 39.03 -18.94
N ARG A 272 -15.78 39.05 -17.91
CA ARG A 272 -14.77 40.10 -17.75
C ARG A 272 -13.36 39.55 -17.56
N THR A 273 -12.45 40.02 -18.39
CA THR A 273 -11.04 39.64 -18.33
C THR A 273 -10.20 40.76 -17.72
N SER A 274 -10.40 41.01 -16.43
CA SER A 274 -9.59 41.96 -15.68
C SER A 274 -8.13 41.50 -15.69
N GLU A 275 -7.22 42.44 -15.93
CA GLU A 275 -5.81 42.12 -16.23
C GLU A 275 -5.13 41.12 -15.31
N CYS A 276 -5.49 41.12 -14.03
CA CYS A 276 -4.97 40.14 -13.06
C CYS A 276 -6.09 39.31 -12.41
N ASP A 277 -7.31 39.48 -12.90
CA ASP A 277 -8.47 38.78 -12.35
C ASP A 277 -9.25 38.06 -13.46
N PHE A 278 -10.16 37.18 -13.08
CA PHE A 278 -11.01 36.47 -14.04
C PHE A 278 -12.44 36.32 -13.52
N VAL A 279 -13.40 36.82 -14.29
CA VAL A 279 -14.81 36.77 -13.92
C VAL A 279 -15.57 35.77 -14.79
N PHE A 280 -16.16 34.78 -14.15
CA PHE A 280 -16.98 33.78 -14.83
C PHE A 280 -18.42 33.80 -14.33
N GLU A 281 -19.35 33.97 -15.26
CA GLU A 281 -20.76 34.07 -14.92
C GLU A 281 -21.50 32.79 -15.30
N TRP A 282 -22.03 32.09 -14.30
CA TRP A 282 -22.70 30.81 -14.50
C TRP A 282 -24.20 30.92 -14.22
N GLU A 283 -25.01 30.66 -15.24
CA GLU A 283 -26.46 30.64 -15.10
C GLU A 283 -26.96 29.20 -14.94
N THR A 284 -27.46 28.90 -13.74
CA THR A 284 -27.83 27.52 -13.37
C THR A 284 -29.05 27.44 -12.45
N PRO A 285 -29.92 26.42 -12.65
CA PRO A 285 -31.11 26.27 -11.79
C PRO A 285 -30.82 25.68 -10.41
N VAL A 286 -29.58 25.26 -10.17
CA VAL A 286 -29.19 24.74 -8.85
C VAL A 286 -28.96 25.88 -7.85
N VAL A 287 -28.68 27.07 -8.38
CA VAL A 287 -28.59 28.30 -7.58
C VAL A 287 -29.97 28.98 -7.62
N CYS A 288 -31.00 28.18 -7.41
CA CYS A 288 -32.38 28.63 -7.32
C CYS A 288 -33.02 27.92 -6.12
N PRO A 289 -33.97 28.59 -5.43
CA PRO A 289 -34.61 27.94 -4.30
C PRO A 289 -35.66 26.92 -4.72
N ASP A 290 -36.03 26.03 -3.80
CA ASP A 290 -37.09 25.06 -4.03
C ASP A 290 -38.45 25.76 -3.96
N GLU A 291 -39.01 26.05 -5.13
CA GLU A 291 -40.27 26.79 -5.24
C GLU A 291 -41.46 25.85 -5.02
N VAL A 292 -42.29 26.21 -4.04
CA VAL A 292 -43.52 25.46 -3.75
C VAL A 292 -44.55 25.75 -4.84
N ARG A 293 -45.21 24.70 -5.32
CA ARG A 293 -46.16 24.80 -6.44
C ARG A 293 -47.35 25.71 -6.13
N MET A 294 -47.79 26.43 -7.17
CA MET A 294 -48.91 27.38 -7.08
C MET A 294 -50.17 26.76 -6.46
N ASP A 295 -50.77 25.81 -7.18
CA ASP A 295 -52.02 25.19 -6.76
C ASP A 295 -51.85 23.69 -6.47
N GLY A 296 -50.98 23.39 -5.51
CA GLY A 296 -50.76 22.03 -5.02
C GLY A 296 -50.30 21.03 -6.07
N CYS A 297 -51.25 20.32 -6.65
CA CYS A 297 -50.97 19.30 -7.66
C CYS A 297 -52.09 19.31 -8.71
N THR A 298 -52.45 20.50 -9.18
CA THR A 298 -53.54 20.66 -10.14
C THR A 298 -53.13 21.48 -11.38
N LEU A 299 -53.92 21.35 -12.45
CA LEU A 299 -53.67 22.05 -13.72
C LEU A 299 -54.77 23.08 -14.01
N THR A 300 -54.37 24.29 -14.37
CA THR A 300 -55.33 25.35 -14.73
C THR A 300 -54.88 26.21 -15.93
N ASP A 301 -55.55 26.02 -17.06
CA ASP A 301 -55.34 26.81 -18.27
C ASP A 301 -56.65 27.51 -18.61
N GLU A 302 -56.59 28.79 -19.00
CA GLU A 302 -57.79 29.58 -19.25
C GLU A 302 -58.54 29.21 -20.54
N GLN A 303 -57.91 28.37 -21.36
CA GLN A 303 -58.52 27.87 -22.60
C GLN A 303 -59.73 26.97 -22.29
N LEU A 304 -59.62 26.21 -21.20
CA LEU A 304 -60.71 25.37 -20.70
C LEU A 304 -61.29 25.95 -19.41
N LEU A 305 -60.44 26.67 -18.67
CA LEU A 305 -60.82 27.43 -17.46
C LEU A 305 -60.98 26.60 -16.17
N TYR A 306 -61.30 25.31 -16.31
CA TYR A 306 -61.46 24.43 -15.15
C TYR A 306 -60.16 23.65 -14.82
N SER A 307 -60.17 22.98 -13.67
CA SER A 307 -58.95 22.34 -13.14
C SER A 307 -58.98 20.80 -13.15
N PHE A 308 -57.80 20.21 -13.33
CA PHE A 308 -57.62 18.76 -13.25
C PHE A 308 -56.90 18.38 -11.95
N ASN A 309 -57.59 17.61 -11.10
CA ASN A 309 -57.06 17.23 -9.80
C ASN A 309 -56.23 15.95 -9.84
N LEU A 310 -54.91 16.11 -9.99
CA LEU A 310 -53.99 14.98 -10.08
C LEU A 310 -53.54 14.46 -8.71
N SER A 311 -54.08 15.05 -7.63
CA SER A 311 -53.75 14.65 -6.26
C SER A 311 -54.28 13.26 -5.90
N SER A 312 -55.24 12.77 -6.67
CA SER A 312 -55.77 11.42 -6.51
C SER A 312 -54.73 10.36 -6.86
N LEU A 313 -53.82 10.72 -7.76
CA LEU A 313 -52.75 9.83 -8.20
C LEU A 313 -51.53 9.91 -7.28
N SER A 314 -51.50 10.97 -6.46
CA SER A 314 -50.38 11.21 -5.54
C SER A 314 -50.42 10.30 -4.32
N THR A 315 -50.97 9.10 -4.49
CA THR A 315 -51.16 8.18 -3.38
C THR A 315 -49.88 7.42 -3.00
N SER A 316 -49.19 6.85 -4.00
CA SER A 316 -48.03 5.99 -3.75
C SER A 316 -47.09 5.79 -4.96
N THR A 317 -46.17 4.85 -4.81
CA THR A 317 -45.15 4.52 -5.80
C THR A 317 -45.71 3.60 -6.89
N PHE A 318 -45.16 3.71 -8.10
CA PHE A 318 -45.51 2.85 -9.22
C PHE A 318 -44.27 2.21 -9.83
N LYS A 319 -44.41 1.00 -10.38
CA LYS A 319 -43.29 0.30 -11.00
C LYS A 319 -43.57 -0.01 -12.47
N VAL A 320 -43.19 0.93 -13.33
CA VAL A 320 -43.31 0.74 -14.78
C VAL A 320 -42.00 0.14 -15.29
N THR A 321 -42.12 -0.96 -16.03
CA THR A 321 -40.94 -1.71 -16.45
C THR A 321 -41.02 -2.11 -17.92
N ARG A 322 -39.92 -1.88 -18.64
CA ARG A 322 -39.75 -2.32 -20.02
C ARG A 322 -38.29 -2.66 -20.31
N ASP A 323 -38.06 -3.86 -20.85
CA ASP A 323 -36.73 -4.36 -21.20
C ASP A 323 -35.76 -4.31 -20.01
N SER A 324 -36.07 -5.07 -18.98
CA SER A 324 -35.27 -5.14 -17.75
C SER A 324 -35.26 -3.84 -16.93
N ARG A 325 -35.53 -2.72 -17.58
CA ARG A 325 -35.48 -1.41 -16.94
C ARG A 325 -36.70 -1.15 -16.06
N THR A 326 -36.51 -1.26 -14.75
CA THR A 326 -37.57 -1.06 -13.77
C THR A 326 -37.58 0.37 -13.25
N TYR A 327 -38.45 1.20 -13.84
CA TYR A 327 -38.60 2.59 -13.41
C TYR A 327 -39.48 2.72 -12.17
N SER A 328 -39.40 3.87 -11.53
CA SER A 328 -40.27 4.20 -10.40
C SER A 328 -40.85 5.59 -10.63
N VAL A 329 -42.17 5.65 -10.78
CA VAL A 329 -42.85 6.92 -11.05
C VAL A 329 -43.80 7.29 -9.91
N GLY A 330 -43.69 8.54 -9.46
CA GLY A 330 -44.57 9.08 -8.43
C GLY A 330 -45.03 10.47 -8.80
N VAL A 331 -46.31 10.60 -9.19
CA VAL A 331 -46.90 11.89 -9.50
C VAL A 331 -47.03 12.69 -8.20
N CYS A 332 -46.35 13.83 -8.15
CA CYS A 332 -46.32 14.70 -6.97
C CYS A 332 -45.72 14.05 -5.71
N THR A 333 -45.00 12.94 -5.90
CA THR A 333 -44.36 12.22 -4.79
C THR A 333 -43.02 11.65 -5.24
N PHE A 334 -42.04 11.62 -4.34
CA PHE A 334 -40.71 11.08 -4.62
C PHE A 334 -40.79 9.66 -5.18
N ALA A 335 -40.03 9.41 -6.24
CA ALA A 335 -40.02 8.13 -6.93
C ALA A 335 -39.76 6.96 -5.99
N VAL A 336 -38.59 6.97 -5.34
CA VAL A 336 -38.26 5.97 -4.35
C VAL A 336 -38.34 6.62 -2.98
N GLY A 337 -39.09 5.99 -2.07
CA GLY A 337 -39.33 6.52 -0.74
C GLY A 337 -38.12 6.49 0.19
N PRO A 338 -38.32 6.83 1.48
CA PRO A 338 -37.24 6.87 2.46
C PRO A 338 -36.57 5.51 2.74
N GLU A 339 -37.20 4.43 2.29
CA GLU A 339 -36.70 3.07 2.52
C GLU A 339 -35.45 2.77 1.69
N GLN A 340 -35.61 2.71 0.37
CA GLN A 340 -34.47 2.47 -0.54
C GLN A 340 -33.70 3.77 -0.78
N GLY A 341 -34.44 4.84 -1.08
CA GLY A 341 -33.89 6.20 -1.18
C GLY A 341 -32.64 6.40 -2.01
N GLY A 342 -32.54 5.68 -3.13
CA GLY A 342 -31.40 5.77 -4.02
C GLY A 342 -31.37 7.09 -4.79
N CYS A 343 -32.52 7.48 -5.32
CA CYS A 343 -32.66 8.72 -6.10
C CYS A 343 -33.33 9.81 -5.28
N LYS A 344 -32.53 10.54 -4.50
CA LYS A 344 -33.06 11.66 -3.71
C LYS A 344 -33.50 12.78 -4.64
N ASP A 345 -34.60 13.44 -4.28
CA ASP A 345 -35.22 14.51 -5.07
C ASP A 345 -35.83 14.02 -6.39
N GLY A 346 -35.35 12.89 -6.90
CA GLY A 346 -35.81 12.34 -8.17
C GLY A 346 -37.28 11.93 -8.19
N GLY A 347 -38.04 12.54 -9.10
CA GLY A 347 -39.44 12.19 -9.32
C GLY A 347 -39.61 10.90 -10.09
N VAL A 348 -38.65 10.60 -10.96
CA VAL A 348 -38.55 9.33 -11.66
C VAL A 348 -37.14 8.76 -11.44
N CYS A 349 -37.06 7.48 -11.10
CA CYS A 349 -35.77 6.85 -10.78
C CYS A 349 -35.61 5.50 -11.49
N LEU A 350 -34.60 5.43 -12.35
CA LEU A 350 -34.24 4.17 -13.03
C LEU A 350 -33.47 3.28 -12.06
N LEU A 351 -34.16 2.24 -11.58
CA LEU A 351 -33.59 1.35 -10.57
C LEU A 351 -32.58 0.36 -11.15
N SER A 352 -31.58 0.04 -10.33
CA SER A 352 -30.65 -1.05 -10.59
C SER A 352 -30.49 -1.87 -9.32
N GLY A 353 -31.12 -1.39 -8.24
CA GLY A 353 -31.04 -2.02 -6.93
C GLY A 353 -29.76 -1.66 -6.20
N THR A 354 -28.73 -1.35 -6.98
CA THR A 354 -27.40 -1.03 -6.45
C THR A 354 -27.05 0.46 -6.55
N LYS A 355 -27.45 1.09 -7.65
CA LYS A 355 -27.12 2.50 -7.91
C LYS A 355 -28.36 3.40 -7.90
N GLY A 356 -29.05 3.47 -9.03
CA GLY A 356 -30.20 4.36 -9.19
C GLY A 356 -29.81 5.68 -9.83
N ALA A 357 -30.64 6.14 -10.77
CA ALA A 357 -30.37 7.40 -11.48
C ALA A 357 -31.65 8.21 -11.70
N SER A 358 -31.65 9.44 -11.20
CA SER A 358 -32.80 10.33 -11.27
C SER A 358 -33.06 10.87 -12.68
N PHE A 359 -34.33 11.04 -13.01
CA PHE A 359 -34.73 11.59 -14.31
C PHE A 359 -35.45 12.94 -14.18
N GLY A 360 -35.20 13.62 -13.06
CA GLY A 360 -35.76 14.94 -12.82
C GLY A 360 -36.14 15.16 -11.37
N ARG A 361 -35.66 16.26 -10.81
CA ARG A 361 -35.98 16.64 -9.44
C ARG A 361 -37.47 16.98 -9.31
N LEU A 362 -38.14 16.29 -8.38
CA LEU A 362 -39.56 16.45 -8.12
C LEU A 362 -39.99 17.91 -7.96
N GLN A 363 -39.07 18.73 -7.46
CA GLN A 363 -39.30 20.16 -7.22
C GLN A 363 -39.47 20.96 -8.51
N SER A 364 -38.86 20.48 -9.59
CA SER A 364 -38.87 21.20 -10.87
C SER A 364 -40.13 20.91 -11.71
N MET A 365 -41.11 20.27 -11.09
CA MET A 365 -42.35 19.85 -11.75
C MET A 365 -43.11 21.01 -12.42
N LYS A 366 -43.48 20.80 -13.68
CA LYS A 366 -44.26 21.75 -14.45
C LYS A 366 -45.49 21.08 -15.05
N LEU A 367 -46.62 21.77 -15.04
CA LEU A 367 -47.85 21.28 -15.65
C LEU A 367 -48.32 22.18 -16.79
N ASP A 368 -48.54 21.58 -17.95
CA ASP A 368 -49.00 22.29 -19.13
C ASP A 368 -50.10 21.51 -19.85
N TYR A 369 -50.84 22.20 -20.72
CA TYR A 369 -51.95 21.60 -21.45
C TYR A 369 -51.61 21.49 -22.93
N ARG A 370 -51.67 20.27 -23.46
CA ARG A 370 -51.52 20.04 -24.89
C ARG A 370 -52.88 20.21 -25.55
N HIS A 371 -52.95 21.11 -26.52
CA HIS A 371 -54.20 21.44 -27.20
C HIS A 371 -54.42 20.55 -28.44
N GLN A 372 -53.33 20.00 -28.95
CA GLN A 372 -53.35 19.07 -30.08
C GLN A 372 -54.07 17.76 -29.73
N ASP A 373 -53.63 17.14 -28.63
CA ASP A 373 -54.13 15.83 -28.23
C ASP A 373 -55.08 15.92 -27.03
N GLU A 374 -55.35 17.15 -26.59
CA GLU A 374 -56.17 17.41 -25.40
C GLU A 374 -55.64 16.65 -24.18
N ALA A 375 -54.35 16.80 -23.92
CA ALA A 375 -53.68 16.07 -22.86
C ALA A 375 -53.03 16.98 -21.83
N VAL A 376 -52.67 16.40 -20.69
CA VAL A 376 -52.00 17.13 -19.61
C VAL A 376 -50.54 16.65 -19.50
N VAL A 377 -49.61 17.58 -19.64
CA VAL A 377 -48.18 17.25 -19.62
C VAL A 377 -47.54 17.60 -18.27
N LEU A 378 -47.05 16.56 -17.60
CA LEU A 378 -46.25 16.71 -16.38
C LEU A 378 -44.80 16.40 -16.72
N SER A 379 -43.89 17.26 -16.27
CA SER A 379 -42.46 17.07 -16.55
C SER A 379 -41.56 17.50 -15.41
N TYR A 380 -40.64 16.62 -15.02
CA TYR A 380 -39.56 16.96 -14.10
C TYR A 380 -38.29 17.19 -14.90
N VAL A 381 -37.33 17.90 -14.32
CA VAL A 381 -36.07 18.21 -14.98
C VAL A 381 -34.90 18.27 -13.99
N ASN A 382 -33.67 18.25 -14.52
CA ASN A 382 -32.44 18.35 -13.73
C ASN A 382 -32.20 17.14 -12.82
N GLY A 383 -32.19 15.95 -13.43
CA GLY A 383 -31.93 14.71 -12.71
C GLY A 383 -30.46 14.41 -12.58
N ASP A 384 -30.00 13.35 -13.24
CA ASP A 384 -28.58 13.00 -13.29
C ASP A 384 -28.01 13.32 -14.67
N ARG A 385 -26.68 13.24 -14.80
CA ARG A 385 -26.01 13.47 -16.08
C ARG A 385 -26.37 12.39 -17.09
N CYS A 386 -26.70 12.82 -18.31
CA CYS A 386 -27.10 11.90 -19.38
C CYS A 386 -25.96 10.95 -19.76
N PRO A 387 -26.31 9.73 -20.22
CA PRO A 387 -25.32 8.68 -20.50
C PRO A 387 -24.28 9.09 -21.56
N PRO A 388 -23.02 8.67 -21.35
CA PRO A 388 -21.94 8.93 -22.32
C PRO A 388 -22.06 8.08 -23.58
N GLU A 389 -21.54 8.59 -24.68
CA GLU A 389 -21.50 7.87 -25.95
C GLU A 389 -20.06 7.81 -26.49
N THR A 390 -19.81 6.92 -27.44
CA THR A 390 -18.53 6.90 -28.14
C THR A 390 -18.51 7.99 -29.20
N ASP A 391 -17.30 8.33 -29.69
CA ASP A 391 -17.13 9.41 -30.67
C ASP A 391 -17.82 9.15 -32.01
N ASP A 392 -18.06 7.87 -32.32
CA ASP A 392 -18.75 7.46 -33.55
C ASP A 392 -20.25 7.73 -33.48
N GLY A 393 -20.85 7.44 -32.32
CA GLY A 393 -22.27 7.69 -32.10
C GLY A 393 -22.99 6.54 -31.42
N VAL A 394 -22.28 5.43 -31.20
CA VAL A 394 -22.87 4.25 -30.55
C VAL A 394 -22.79 4.34 -29.01
N PRO A 395 -23.96 4.29 -28.35
CA PRO A 395 -24.04 4.43 -26.89
C PRO A 395 -23.32 3.31 -26.13
N CYS A 396 -22.80 3.66 -24.96
CA CYS A 396 -22.10 2.70 -24.09
C CYS A 396 -23.10 1.81 -23.37
N VAL A 397 -22.62 0.65 -22.92
CA VAL A 397 -23.47 -0.33 -22.25
C VAL A 397 -22.98 -0.61 -20.82
N PHE A 398 -23.81 -0.26 -19.85
CA PHE A 398 -23.52 -0.51 -18.44
C PHE A 398 -24.50 -1.53 -17.87
N PRO A 399 -24.01 -2.47 -17.04
CA PRO A 399 -22.59 -2.69 -16.74
C PRO A 399 -21.92 -3.68 -17.67
N PHE A 400 -20.59 -3.59 -17.78
CA PHE A 400 -19.82 -4.51 -18.62
C PHE A 400 -18.66 -5.16 -17.87
N ILE A 401 -18.29 -6.36 -18.28
CA ILE A 401 -17.22 -7.12 -17.62
C ILE A 401 -15.86 -6.83 -18.25
N PHE A 402 -14.83 -6.79 -17.42
CA PHE A 402 -13.46 -6.55 -17.88
C PHE A 402 -12.47 -7.28 -16.97
N ASN A 403 -11.79 -8.28 -17.53
CA ASN A 403 -10.88 -9.18 -16.80
C ASN A 403 -11.51 -9.98 -15.66
N GLY A 404 -12.76 -9.67 -15.35
CA GLY A 404 -13.48 -10.32 -14.26
C GLY A 404 -14.12 -9.34 -13.28
N LYS A 405 -14.34 -8.11 -13.75
CA LYS A 405 -14.95 -7.05 -12.96
C LYS A 405 -16.10 -6.38 -13.71
N SER A 406 -17.09 -5.91 -12.97
CA SER A 406 -18.22 -5.18 -13.55
C SER A 406 -18.02 -3.68 -13.41
N TYR A 407 -18.35 -2.91 -14.45
CA TYR A 407 -18.08 -1.48 -14.49
C TYR A 407 -19.30 -0.60 -14.78
N GLU A 408 -19.36 0.53 -14.09
CA GLU A 408 -20.53 1.43 -14.15
C GLU A 408 -20.37 2.67 -15.02
N GLU A 409 -19.14 3.17 -15.14
CA GLU A 409 -18.86 4.35 -15.97
C GLU A 409 -17.64 4.14 -16.87
N CYS A 410 -17.39 5.11 -17.75
CA CYS A 410 -16.20 5.11 -18.60
C CYS A 410 -14.94 4.95 -17.76
N ILE A 411 -14.10 3.99 -18.14
CA ILE A 411 -12.88 3.68 -17.38
C ILE A 411 -11.59 3.91 -18.17
N ILE A 412 -10.45 3.71 -17.52
CA ILE A 412 -9.14 3.90 -18.15
C ILE A 412 -8.13 2.80 -17.79
N GLU A 413 -8.41 1.59 -18.28
CA GLU A 413 -7.46 0.48 -18.19
C GLU A 413 -6.83 0.27 -19.55
N SER A 414 -5.50 0.16 -19.56
CA SER A 414 -4.70 -0.08 -20.77
C SER A 414 -5.04 0.82 -21.97
N ARG A 415 -5.64 1.98 -21.70
CA ARG A 415 -5.95 2.97 -22.74
C ARG A 415 -5.73 4.41 -22.28
N ALA A 416 -5.45 5.30 -23.23
CA ALA A 416 -5.14 6.70 -22.95
C ALA A 416 -6.36 7.51 -22.49
N LYS A 417 -7.27 7.80 -23.40
CA LYS A 417 -8.49 8.53 -23.10
C LYS A 417 -9.54 7.60 -22.48
N LEU A 418 -10.59 8.18 -21.90
CA LEU A 418 -11.65 7.45 -21.20
C LEU A 418 -12.53 6.65 -22.17
N TRP A 419 -12.64 5.34 -21.91
CA TRP A 419 -13.32 4.43 -22.82
C TRP A 419 -14.42 3.60 -22.13
N CYS A 420 -15.38 3.14 -22.94
CA CYS A 420 -16.48 2.30 -22.47
C CYS A 420 -16.60 1.08 -23.38
N SER A 421 -17.49 0.16 -23.03
CA SER A 421 -17.83 -0.96 -23.90
C SER A 421 -19.16 -0.69 -24.60
N THR A 422 -19.34 -1.30 -25.77
CA THR A 422 -20.59 -1.17 -26.52
C THR A 422 -21.43 -2.46 -26.46
N THR A 423 -20.90 -3.45 -25.75
CA THR A 423 -21.61 -4.71 -25.49
C THR A 423 -21.78 -4.91 -23.97
N ALA A 424 -22.43 -6.00 -23.59
CA ALA A 424 -22.57 -6.37 -22.19
C ALA A 424 -21.25 -6.91 -21.62
N ASP A 425 -20.35 -7.31 -22.51
CA ASP A 425 -19.06 -7.87 -22.12
C ASP A 425 -17.99 -7.50 -23.13
N TYR A 426 -16.89 -6.94 -22.63
CA TYR A 426 -15.72 -6.62 -23.45
C TYR A 426 -14.83 -7.86 -23.60
N ASP A 427 -14.56 -8.54 -22.49
CA ASP A 427 -13.75 -9.75 -22.49
C ASP A 427 -14.20 -10.77 -23.54
N ARG A 428 -15.48 -10.70 -23.89
CA ARG A 428 -16.13 -11.67 -24.75
C ARG A 428 -16.20 -11.21 -26.21
N ASP A 429 -16.26 -9.90 -26.42
CA ASP A 429 -16.52 -9.35 -27.75
C ASP A 429 -15.54 -8.26 -28.21
N HIS A 430 -14.72 -7.77 -27.29
CA HIS A 430 -13.73 -6.70 -27.56
C HIS A 430 -14.29 -5.59 -28.44
N GLU A 431 -15.44 -5.05 -28.03
CA GLU A 431 -16.11 -3.96 -28.72
C GLU A 431 -16.11 -2.72 -27.83
N TRP A 432 -15.55 -1.62 -28.35
CA TRP A 432 -15.34 -0.41 -27.55
C TRP A 432 -15.18 0.87 -28.38
N GLY A 433 -15.12 2.01 -27.68
CA GLY A 433 -14.89 3.33 -28.28
C GLY A 433 -14.62 4.37 -27.20
N PHE A 434 -14.02 5.49 -27.60
CA PHE A 434 -13.70 6.59 -26.67
C PHE A 434 -14.94 7.39 -26.27
N CYS A 435 -15.07 7.67 -24.99
CA CYS A 435 -16.24 8.38 -24.44
C CYS A 435 -16.23 9.88 -24.74
N ARG A 436 -17.38 10.40 -25.16
CA ARG A 436 -17.63 11.84 -25.22
C ARG A 436 -18.89 12.18 -24.44
N HIS A 437 -18.70 12.78 -23.27
CA HIS A 437 -19.80 13.01 -22.31
C HIS A 437 -20.70 14.18 -22.70
N SER A 438 -21.98 14.04 -22.38
CA SER A 438 -22.99 15.05 -22.67
C SER A 438 -23.08 16.05 -21.52
N ASN A 439 -23.22 17.32 -21.88
CA ASN A 439 -23.35 18.39 -20.89
C ASN A 439 -24.81 18.74 -20.58
N SER A 440 -25.68 17.75 -20.80
CA SER A 440 -27.10 17.88 -20.49
C SER A 440 -27.50 16.86 -19.42
N TYR A 441 -28.55 17.18 -18.67
CA TYR A 441 -29.01 16.33 -17.58
C TYR A 441 -30.34 15.68 -17.91
N ARG A 442 -30.64 14.59 -17.20
CA ARG A 442 -31.79 13.74 -17.51
C ARG A 442 -33.14 14.40 -17.25
N THR A 443 -34.07 14.20 -18.18
CA THR A 443 -35.43 14.75 -18.10
C THR A 443 -36.45 13.61 -18.17
N SER A 444 -37.64 13.85 -17.62
CA SER A 444 -38.74 12.89 -17.72
C SER A 444 -40.09 13.59 -17.75
N SER A 445 -40.98 13.12 -18.63
CA SER A 445 -42.29 13.72 -18.80
C SER A 445 -43.41 12.67 -18.85
N ILE A 446 -44.59 13.05 -18.37
CA ILE A 446 -45.77 12.18 -18.38
C ILE A 446 -46.93 12.86 -19.08
N ILE A 447 -47.36 12.29 -20.20
CA ILE A 447 -48.51 12.81 -20.95
C ILE A 447 -49.80 12.07 -20.58
N PHE A 448 -50.64 12.73 -19.79
CA PHE A 448 -51.88 12.14 -19.29
C PHE A 448 -52.98 12.10 -20.35
N LYS A 449 -53.40 10.89 -20.68
CA LYS A 449 -54.39 10.66 -21.73
C LYS A 449 -55.69 10.11 -21.13
N CYS A 450 -56.82 10.45 -21.76
CA CYS A 450 -58.14 10.15 -21.19
C CYS A 450 -58.62 8.72 -21.46
N ASP A 451 -59.24 8.13 -20.43
CA ASP A 451 -59.93 6.84 -20.53
C ASP A 451 -60.95 6.76 -19.40
N GLU A 452 -62.20 6.50 -19.75
CA GLU A 452 -63.32 6.62 -18.81
C GLU A 452 -63.45 5.45 -17.81
N ASP A 453 -63.14 4.24 -18.26
CA ASP A 453 -63.26 3.05 -17.40
C ASP A 453 -62.05 2.83 -16.49
N GLU A 454 -60.97 3.54 -16.75
CA GLU A 454 -59.75 3.46 -15.96
C GLU A 454 -59.85 4.41 -14.77
N ASP A 455 -60.46 3.94 -13.68
CA ASP A 455 -60.64 4.74 -12.47
C ASP A 455 -59.28 5.25 -11.96
N ILE A 456 -58.47 4.33 -11.44
CA ILE A 456 -57.07 4.62 -11.14
C ILE A 456 -56.22 3.77 -12.08
N GLY A 457 -55.71 4.41 -13.13
CA GLY A 457 -54.99 3.71 -14.21
C GLY A 457 -53.53 3.41 -13.92
N ARG A 458 -52.83 2.96 -14.95
CA ARG A 458 -51.41 2.63 -14.84
C ARG A 458 -50.61 3.29 -15.96
N PRO A 459 -49.49 3.95 -15.61
CA PRO A 459 -48.59 4.53 -16.61
C PRO A 459 -47.78 3.46 -17.35
N GLN A 460 -47.42 3.76 -18.60
CA GLN A 460 -46.59 2.87 -19.41
C GLN A 460 -45.50 3.64 -20.15
N VAL A 461 -44.37 2.99 -20.37
CA VAL A 461 -43.24 3.61 -21.09
C VAL A 461 -43.62 3.88 -22.54
N PHE A 462 -43.58 5.15 -22.93
CA PHE A 462 -43.92 5.56 -24.29
C PHE A 462 -42.69 5.72 -25.18
N SER A 463 -41.68 6.41 -24.66
CA SER A 463 -40.43 6.63 -25.41
C SER A 463 -39.21 6.85 -24.52
N GLU A 464 -38.18 6.06 -24.76
CA GLU A 464 -36.88 6.24 -24.12
C GLU A 464 -35.89 6.75 -25.16
N VAL A 465 -35.34 7.95 -24.93
CA VAL A 465 -34.37 8.54 -25.85
C VAL A 465 -33.00 8.64 -25.20
N ARG A 466 -32.07 7.83 -25.69
CA ARG A 466 -30.65 7.81 -25.27
C ARG A 466 -30.43 7.64 -23.76
N GLY A 467 -31.50 7.38 -23.02
CA GLY A 467 -31.46 7.34 -21.55
C GLY A 467 -31.33 8.74 -20.95
N CYS A 468 -31.52 9.74 -21.81
CA CYS A 468 -31.38 11.15 -21.44
C CYS A 468 -32.76 11.79 -21.29
N ASP A 469 -33.78 11.07 -21.76
CA ASP A 469 -35.18 11.50 -21.67
C ASP A 469 -36.11 10.29 -21.72
N VAL A 470 -37.07 10.23 -20.80
CA VAL A 470 -38.09 9.19 -20.81
C VAL A 470 -39.49 9.81 -20.69
N THR A 471 -40.35 9.46 -21.64
CA THR A 471 -41.74 9.93 -21.63
C THR A 471 -42.69 8.76 -21.35
N PHE A 472 -43.56 8.95 -20.35
CA PHE A 472 -44.55 7.95 -19.97
C PHE A 472 -45.96 8.34 -20.40
N GLU A 473 -46.74 7.35 -20.81
CA GLU A 473 -48.16 7.57 -21.12
C GLU A 473 -49.03 6.95 -20.04
N TRP A 474 -49.77 7.80 -19.33
CA TRP A 474 -50.61 7.38 -18.23
C TRP A 474 -52.07 7.63 -18.59
N LYS A 475 -52.85 6.55 -18.69
CA LYS A 475 -54.28 6.64 -18.99
C LYS A 475 -55.12 6.57 -17.72
N THR A 476 -55.77 7.69 -17.40
CA THR A 476 -56.62 7.81 -16.20
C THR A 476 -57.97 8.42 -16.49
N LYS A 477 -58.89 8.29 -15.53
CA LYS A 477 -60.22 8.88 -15.60
C LYS A 477 -60.15 10.37 -15.26
N VAL A 478 -59.17 10.74 -14.43
CA VAL A 478 -59.03 12.09 -13.90
C VAL A 478 -58.95 13.18 -14.97
N VAL A 479 -58.16 12.92 -16.01
CA VAL A 479 -57.91 13.91 -17.06
C VAL A 479 -58.95 13.85 -18.19
N CYS A 480 -60.23 13.94 -17.81
CA CYS A 480 -61.33 13.81 -18.77
C CYS A 480 -62.46 14.85 -18.64
N PRO A 481 -63.18 14.86 -17.49
CA PRO A 481 -64.59 15.31 -17.39
C PRO A 481 -64.96 16.70 -17.92
N PRO A 482 -65.50 16.77 -19.15
CA PRO A 482 -66.21 17.93 -19.66
C PRO A 482 -67.73 17.69 -19.70
N LYS A 483 -68.17 16.59 -19.08
CA LYS A 483 -69.53 16.09 -19.16
C LYS A 483 -70.57 17.07 -18.61
N CYS B 9 41.23 -23.97 30.03
CA CYS B 9 40.19 -23.36 29.16
C CYS B 9 39.46 -22.24 29.92
N GLN B 10 40.13 -21.08 29.99
CA GLN B 10 39.64 -19.94 30.78
C GLN B 10 40.15 -18.58 30.27
N VAL B 11 39.29 -17.58 30.34
CA VAL B 11 39.66 -16.19 30.04
C VAL B 11 38.90 -15.24 30.97
N THR B 12 39.47 -14.05 31.18
CA THR B 12 38.84 -13.02 32.02
C THR B 12 38.76 -11.68 31.31
N ASN B 13 37.77 -10.87 31.71
CA ASN B 13 37.67 -9.49 31.25
C ASN B 13 38.53 -8.61 32.14
N PRO B 14 39.61 -8.01 31.58
CA PRO B 14 40.58 -7.22 32.33
C PRO B 14 39.97 -6.04 33.10
N SER B 15 38.83 -5.54 32.64
CA SER B 15 38.17 -4.40 33.25
C SER B 15 37.35 -4.74 34.51
N THR B 16 36.81 -5.95 34.56
CA THR B 16 35.94 -6.38 35.67
C THR B 16 36.53 -7.52 36.50
N GLY B 17 37.22 -8.43 35.83
CA GLY B 17 37.78 -9.61 36.48
C GLY B 17 36.83 -10.79 36.49
N HIS B 18 35.83 -10.74 35.61
CA HIS B 18 34.81 -11.77 35.49
C HIS B 18 35.40 -13.04 34.86
N LEU B 19 35.31 -14.15 35.58
CA LEU B 19 35.85 -15.42 35.12
C LEU B 19 34.83 -16.16 34.27
N PHE B 20 35.24 -16.57 33.07
CA PHE B 20 34.42 -17.39 32.19
C PHE B 20 34.90 -18.83 32.22
N ASP B 21 33.95 -19.75 32.22
CA ASP B 21 34.27 -21.18 32.27
C ASP B 21 33.54 -21.96 31.17
N LEU B 22 34.32 -22.46 30.22
CA LEU B 22 33.78 -23.24 29.11
C LEU B 22 34.12 -24.73 29.26
N SER B 23 34.28 -25.16 30.52
CA SER B 23 34.65 -26.53 30.85
C SER B 23 33.50 -27.53 30.69
N SER B 24 32.28 -27.01 30.50
CA SER B 24 31.12 -27.83 30.22
C SER B 24 31.01 -28.13 28.71
N LEU B 25 32.00 -27.68 27.95
CA LEU B 25 32.08 -27.93 26.51
C LEU B 25 33.43 -28.55 26.12
N SER B 26 34.09 -29.20 27.08
CA SER B 26 35.42 -29.76 26.87
C SER B 26 35.43 -31.22 26.42
N GLY B 27 34.27 -31.69 25.94
CA GLY B 27 34.12 -33.07 25.46
C GLY B 27 34.97 -33.39 24.25
N ARG B 28 35.75 -34.47 24.37
CA ARG B 28 36.60 -34.95 23.28
C ARG B 28 35.76 -35.47 22.12
N ALA B 29 34.59 -36.03 22.44
CA ALA B 29 33.61 -36.46 21.44
C ALA B 29 33.21 -35.29 20.55
N GLY B 30 33.24 -34.09 21.12
CA GLY B 30 33.02 -32.86 20.37
C GLY B 30 31.60 -32.64 19.90
N PHE B 31 31.47 -31.74 18.93
CA PHE B 31 30.16 -31.37 18.40
C PHE B 31 30.21 -31.34 16.88
N THR B 32 29.03 -31.43 16.26
CA THR B 32 28.94 -31.41 14.81
C THR B 32 28.35 -30.10 14.31
N ALA B 33 29.18 -29.31 13.64
CA ALA B 33 28.75 -28.08 12.98
C ALA B 33 28.37 -28.40 11.54
N ALA B 34 27.25 -27.84 11.09
CA ALA B 34 26.70 -28.18 9.78
C ALA B 34 27.05 -27.16 8.70
N TYR B 35 27.72 -27.66 7.66
CA TYR B 35 27.95 -26.86 6.46
C TYR B 35 27.22 -27.47 5.27
N SER B 36 26.95 -26.65 4.26
CA SER B 36 26.31 -27.09 3.01
C SER B 36 24.99 -27.86 3.20
N GLU B 37 24.72 -28.78 2.28
CA GLU B 37 23.47 -29.54 2.28
C GLU B 37 23.51 -30.66 3.32
N LYS B 38 24.55 -31.50 3.25
CA LYS B 38 24.73 -32.59 4.19
C LYS B 38 26.17 -32.72 4.69
N GLY B 39 26.88 -31.59 4.71
CA GLY B 39 28.26 -31.56 5.16
C GLY B 39 28.40 -31.47 6.67
N LEU B 40 29.48 -32.05 7.19
CA LEU B 40 29.74 -32.06 8.63
C LEU B 40 31.13 -31.57 8.99
N VAL B 41 31.19 -30.64 9.94
CA VAL B 41 32.45 -30.22 10.55
C VAL B 41 32.50 -30.81 11.95
N TYR B 42 33.14 -31.97 12.09
CA TYR B 42 33.36 -32.56 13.40
C TYR B 42 34.41 -31.71 14.12
N MET B 43 33.98 -31.01 15.17
CA MET B 43 34.88 -30.12 15.91
C MET B 43 34.75 -30.24 17.42
N SER B 44 35.72 -29.67 18.14
CA SER B 44 35.71 -29.65 19.60
C SER B 44 36.16 -28.30 20.15
N ILE B 45 36.13 -28.15 21.48
CA ILE B 45 36.51 -26.91 22.16
C ILE B 45 37.58 -27.17 23.22
N CYS B 46 38.68 -26.41 23.14
CA CYS B 46 39.82 -26.52 24.06
C CYS B 46 40.45 -27.91 24.11
N GLY B 47 40.19 -28.71 23.08
CA GLY B 47 40.69 -30.08 22.99
C GLY B 47 40.48 -30.68 21.62
N GLU B 48 41.19 -31.78 21.35
CA GLU B 48 41.13 -32.45 20.04
C GLU B 48 39.82 -33.23 19.86
N ASN B 49 39.38 -33.33 18.62
CA ASN B 49 38.20 -34.11 18.27
C ASN B 49 38.55 -35.56 17.92
N GLU B 50 37.70 -36.49 18.31
CA GLU B 50 37.95 -37.91 18.10
C GLU B 50 37.71 -38.38 16.67
N ASN B 51 36.95 -37.59 15.91
CA ASN B 51 36.73 -37.87 14.48
C ASN B 51 37.86 -37.27 13.63
N CYS B 52 38.56 -36.30 14.22
CA CYS B 52 39.70 -35.65 13.59
C CYS B 52 41.01 -36.35 13.98
N PRO B 53 42.08 -36.15 13.20
CA PRO B 53 43.40 -36.64 13.59
C PRO B 53 43.82 -36.08 14.95
N PRO B 54 44.63 -36.84 15.72
CA PRO B 54 45.03 -36.40 17.07
C PRO B 54 45.69 -35.03 17.04
N GLY B 55 45.21 -34.12 17.89
CA GLY B 55 45.73 -32.76 17.96
C GLY B 55 44.90 -31.76 17.18
N VAL B 56 44.10 -32.25 16.24
CA VAL B 56 43.24 -31.42 15.40
C VAL B 56 41.92 -31.10 16.12
N GLY B 57 41.57 -29.82 16.16
CA GLY B 57 40.35 -29.36 16.83
C GLY B 57 39.10 -29.49 15.98
N ALA B 58 39.23 -29.26 14.67
CA ALA B 58 38.12 -29.32 13.74
C ALA B 58 38.57 -29.83 12.37
N CYS B 59 37.72 -30.62 11.72
CA CYS B 59 38.05 -31.18 10.40
C CYS B 59 36.83 -31.39 9.48
N PHE B 60 37.06 -32.00 8.32
CA PHE B 60 36.01 -32.20 7.31
C PHE B 60 35.42 -33.61 7.28
N GLY B 61 34.44 -33.80 6.39
CA GLY B 61 33.61 -35.01 6.35
C GLY B 61 34.30 -36.34 6.17
N GLN B 62 34.36 -36.82 4.93
CA GLN B 62 34.94 -38.14 4.63
C GLN B 62 36.44 -38.15 4.85
N THR B 63 37.16 -37.27 4.14
CA THR B 63 38.58 -37.07 4.41
C THR B 63 38.71 -36.18 5.64
N ARG B 64 39.79 -36.36 6.38
CA ARG B 64 40.01 -35.61 7.61
C ARG B 64 40.87 -34.36 7.37
N ILE B 65 40.33 -33.44 6.57
CA ILE B 65 41.02 -32.19 6.24
C ILE B 65 40.98 -31.26 7.45
N SER B 66 42.13 -31.14 8.12
CA SER B 66 42.27 -30.31 9.32
C SER B 66 42.09 -28.82 9.02
N VAL B 67 41.29 -28.14 9.83
CA VAL B 67 41.15 -26.69 9.74
C VAL B 67 41.65 -25.98 11.01
N GLY B 68 42.57 -26.64 11.71
CA GLY B 68 43.20 -26.05 12.89
C GLY B 68 43.56 -27.04 13.98
N LYS B 69 44.57 -26.68 14.77
CA LYS B 69 45.02 -27.48 15.91
C LYS B 69 44.34 -26.99 17.19
N ALA B 70 43.98 -27.94 18.04
CA ALA B 70 43.28 -27.64 19.29
C ALA B 70 44.19 -26.99 20.32
N ASN B 71 43.70 -25.95 20.98
CA ASN B 71 44.47 -25.19 21.97
C ASN B 71 43.62 -24.60 23.10
N LYS B 72 44.30 -24.12 24.14
CA LYS B 72 43.65 -23.49 25.29
C LYS B 72 43.65 -21.96 25.17
N ARG B 73 44.17 -21.46 24.05
CA ARG B 73 44.34 -20.02 23.81
C ARG B 73 43.00 -19.29 23.65
N LEU B 74 42.49 -18.77 24.76
CA LEU B 74 41.21 -18.07 24.78
C LEU B 74 41.41 -16.58 25.04
N ARG B 75 40.66 -15.75 24.31
CA ARG B 75 40.78 -14.29 24.38
C ARG B 75 39.44 -13.62 24.60
N TYR B 76 39.43 -12.54 25.38
CA TYR B 76 38.26 -11.71 25.54
C TYR B 76 38.37 -10.48 24.63
N VAL B 77 37.57 -10.45 23.57
CA VAL B 77 37.57 -9.32 22.64
C VAL B 77 36.17 -8.74 22.46
N ASP B 78 35.88 -7.70 23.25
CA ASP B 78 34.63 -6.94 23.21
C ASP B 78 33.37 -7.83 23.32
N GLN B 79 33.09 -8.29 24.54
CA GLN B 79 31.90 -9.11 24.85
C GLN B 79 31.95 -10.53 24.26
N VAL B 80 33.05 -10.87 23.58
CA VAL B 80 33.18 -12.16 22.89
C VAL B 80 34.38 -12.95 23.43
N LEU B 81 34.24 -14.27 23.44
CA LEU B 81 35.33 -15.15 23.85
C LEU B 81 35.86 -15.91 22.63
N GLN B 82 36.93 -15.39 22.02
CA GLN B 82 37.47 -15.96 20.79
C GLN B 82 38.47 -17.08 21.03
N LEU B 83 38.29 -18.18 20.28
CA LEU B 83 39.28 -19.24 20.18
C LEU B 83 39.85 -19.25 18.77
N VAL B 84 41.14 -19.55 18.66
CA VAL B 84 41.81 -19.60 17.35
C VAL B 84 42.50 -20.95 17.18
N TYR B 85 42.09 -21.69 16.15
CA TYR B 85 42.71 -22.97 15.83
C TYR B 85 43.72 -22.82 14.70
N LYS B 86 45.00 -22.87 15.08
CA LYS B 86 46.13 -22.57 14.19
C LYS B 86 46.62 -23.80 13.43
N ASP B 87 47.45 -23.56 12.41
CA ASP B 87 48.17 -24.61 11.68
C ASP B 87 47.30 -25.78 11.23
N GLY B 88 46.43 -25.52 10.28
CA GLY B 88 45.62 -26.57 9.67
C GLY B 88 46.37 -27.25 8.54
N SER B 89 45.65 -28.03 7.74
CA SER B 89 46.24 -28.67 6.57
C SER B 89 46.41 -27.63 5.46
N PRO B 90 47.40 -27.84 4.57
CA PRO B 90 47.63 -26.95 3.43
C PRO B 90 46.36 -26.63 2.63
N CYS B 91 46.17 -25.35 2.33
CA CYS B 91 45.04 -24.88 1.55
C CYS B 91 45.51 -24.22 0.26
N PRO B 92 44.71 -24.36 -0.82
CA PRO B 92 44.89 -23.82 -2.17
C PRO B 92 45.76 -22.54 -2.29
N SER B 93 45.10 -21.40 -2.53
CA SER B 93 45.74 -20.07 -2.67
C SER B 93 47.24 -20.01 -3.01
N LYS B 94 48.08 -20.04 -1.98
CA LYS B 94 49.53 -19.85 -2.13
C LYS B 94 50.36 -20.82 -1.30
N SER B 95 51.68 -20.59 -1.29
CA SER B 95 52.63 -21.46 -0.60
C SER B 95 52.63 -21.26 0.91
N GLY B 96 52.60 -22.38 1.64
CA GLY B 96 52.69 -22.37 3.10
C GLY B 96 51.44 -21.90 3.84
N LEU B 97 50.32 -21.85 3.13
CA LEU B 97 49.06 -21.39 3.73
C LEU B 97 48.25 -22.53 4.31
N SER B 98 48.04 -22.46 5.62
CA SER B 98 47.27 -23.45 6.35
C SER B 98 45.88 -22.91 6.68
N TYR B 99 44.92 -23.81 6.85
CA TYR B 99 43.59 -23.44 7.31
C TYR B 99 43.66 -22.96 8.76
N LYS B 100 42.80 -22.01 9.11
CA LYS B 100 42.70 -21.54 10.50
C LYS B 100 41.26 -21.22 10.85
N SER B 101 40.85 -21.59 12.06
CA SER B 101 39.47 -21.41 12.50
C SER B 101 39.39 -20.46 13.67
N VAL B 102 38.45 -19.52 13.59
CA VAL B 102 38.22 -18.55 14.67
C VAL B 102 36.82 -18.69 15.28
N ILE B 103 36.69 -19.64 16.20
CA ILE B 103 35.43 -19.85 16.91
C ILE B 103 35.25 -18.76 17.96
N SER B 104 34.09 -18.11 17.92
CA SER B 104 33.79 -17.00 18.81
C SER B 104 32.54 -17.25 19.63
N PHE B 105 32.66 -17.14 20.95
CA PHE B 105 31.53 -17.34 21.86
C PHE B 105 30.81 -16.03 22.16
N VAL B 106 29.56 -15.95 21.73
CA VAL B 106 28.75 -14.75 21.89
C VAL B 106 27.71 -14.95 23.01
N CYS B 107 27.40 -13.86 23.71
CA CYS B 107 26.46 -13.91 24.84
C CYS B 107 25.00 -14.04 24.38
N ARG B 108 24.28 -14.96 25.03
CA ARG B 108 22.87 -15.18 24.77
C ARG B 108 22.19 -15.74 26.03
N PRO B 109 21.51 -14.87 26.80
CA PRO B 109 20.83 -15.27 28.04
C PRO B 109 19.70 -16.28 27.79
N GLU B 110 19.00 -16.12 26.66
CA GLU B 110 17.97 -17.04 26.23
C GLU B 110 18.59 -18.34 25.72
N ALA B 111 18.62 -19.34 26.61
CA ALA B 111 19.13 -20.66 26.26
C ALA B 111 18.09 -21.45 25.45
N GLY B 112 18.51 -22.58 24.89
CA GLY B 112 17.60 -23.44 24.13
C GLY B 112 18.25 -24.27 23.05
N PRO B 113 17.58 -24.39 21.89
CA PRO B 113 18.05 -25.26 20.81
C PRO B 113 19.15 -24.64 19.94
N THR B 114 19.06 -23.33 19.69
CA THR B 114 20.04 -22.64 18.84
C THR B 114 21.34 -22.36 19.59
N ASN B 115 21.57 -23.10 20.67
CA ASN B 115 22.82 -23.03 21.43
C ASN B 115 23.83 -24.06 20.92
N ARG B 116 24.17 -23.94 19.64
CA ARG B 116 25.14 -24.83 18.99
C ARG B 116 26.11 -24.06 18.08
N PRO B 117 27.31 -24.62 17.84
CA PRO B 117 28.27 -23.97 16.93
C PRO B 117 27.75 -23.94 15.49
N MET B 118 27.91 -22.80 14.84
CA MET B 118 27.42 -22.61 13.48
C MET B 118 28.48 -22.02 12.56
N LEU B 119 28.40 -22.37 11.28
CA LEU B 119 29.27 -21.79 10.27
C LEU B 119 28.62 -20.51 9.73
N ILE B 120 29.27 -19.38 10.00
CA ILE B 120 28.79 -18.08 9.54
C ILE B 120 29.10 -17.93 8.05
N SER B 121 30.39 -17.95 7.74
CA SER B 121 30.89 -17.88 6.36
C SER B 121 32.41 -18.04 6.37
N LEU B 122 33.00 -18.16 5.18
CA LEU B 122 34.45 -18.25 5.04
C LEU B 122 35.02 -17.08 4.22
N ASP B 123 36.22 -16.67 4.60
CA ASP B 123 37.03 -15.81 3.75
C ASP B 123 37.94 -16.75 2.97
N LYS B 124 37.72 -16.81 1.65
CA LYS B 124 38.45 -17.72 0.77
C LYS B 124 39.94 -17.41 0.75
N GLN B 125 40.27 -16.12 0.72
CA GLN B 125 41.65 -15.64 0.57
C GLN B 125 42.56 -16.07 1.71
N THR B 126 42.17 -15.75 2.94
CA THR B 126 43.02 -16.00 4.11
C THR B 126 42.81 -17.39 4.74
N CYS B 127 42.06 -18.25 4.04
CA CYS B 127 41.76 -19.61 4.50
C CYS B 127 41.31 -19.67 5.96
N THR B 128 40.32 -18.84 6.28
CA THR B 128 39.86 -18.71 7.65
C THR B 128 38.42 -19.22 7.79
N LEU B 129 38.14 -19.81 8.95
CA LEU B 129 36.80 -20.32 9.26
C LEU B 129 36.18 -19.56 10.42
N PHE B 130 35.20 -18.72 10.11
CA PHE B 130 34.50 -17.92 11.12
C PHE B 130 33.37 -18.73 11.74
N PHE B 131 33.43 -18.89 13.06
CA PHE B 131 32.40 -19.61 13.81
C PHE B 131 31.76 -18.73 14.88
N SER B 132 30.51 -19.04 15.21
CA SER B 132 29.80 -18.36 16.29
C SER B 132 28.96 -19.36 17.10
N TRP B 133 29.05 -19.23 18.42
CA TRP B 133 28.31 -20.10 19.34
C TRP B 133 27.68 -19.25 20.43
N HIS B 134 26.38 -18.98 20.30
CA HIS B 134 25.66 -18.14 21.25
C HIS B 134 25.24 -18.93 22.50
N THR B 135 25.96 -18.71 23.58
CA THR B 135 25.71 -19.40 24.85
C THR B 135 25.47 -18.45 26.02
N PRO B 136 24.65 -18.87 27.00
CA PRO B 136 24.56 -18.16 28.28
C PRO B 136 25.84 -18.35 29.11
N LEU B 137 26.73 -19.23 28.64
CA LEU B 137 28.04 -19.44 29.24
C LEU B 137 29.01 -18.30 28.90
N ALA B 138 28.70 -17.58 27.81
CA ALA B 138 29.51 -16.46 27.36
C ALA B 138 28.95 -15.11 27.84
N CYS B 139 28.19 -15.13 28.93
CA CYS B 139 27.55 -13.92 29.45
C CYS B 139 28.10 -13.45 30.79
N GLU B 140 28.45 -12.17 30.85
CA GLU B 140 29.00 -11.54 32.04
C GLU B 140 27.90 -10.87 32.85
N GLN B 141 27.14 -9.98 32.20
CA GLN B 141 26.08 -9.22 32.85
C GLN B 141 24.71 -9.86 32.60
N ALA B 142 23.66 -9.18 33.07
CA ALA B 142 22.29 -9.55 32.74
C ALA B 142 21.92 -8.96 31.38
N THR B 143 20.61 -8.79 31.13
CA THR B 143 20.15 -8.25 29.86
C THR B 143 19.41 -6.93 30.09
N GLU B 144 20.16 -5.89 30.44
CA GLU B 144 19.62 -4.56 30.73
C GLU B 144 18.87 -4.01 29.52
N CYS B 145 17.54 -3.92 29.66
CA CYS B 145 16.68 -3.57 28.54
C CYS B 145 15.47 -2.72 28.95
N SER B 146 15.31 -2.51 30.26
CA SER B 146 14.18 -1.76 30.81
C SER B 146 14.60 -0.44 31.46
N VAL B 147 13.77 0.59 31.25
CA VAL B 147 14.01 1.93 31.78
C VAL B 147 12.75 2.46 32.48
N ARG B 148 12.94 3.32 33.48
CA ARG B 148 11.85 3.79 34.34
C ARG B 148 11.26 5.13 33.87
N ASN B 149 10.00 5.09 33.44
CA ASN B 149 9.26 6.29 33.05
C ASN B 149 8.33 6.73 34.19
N GLY B 150 8.93 7.23 35.27
CA GLY B 150 8.19 7.64 36.45
C GLY B 150 7.95 6.49 37.40
N SER B 151 6.68 6.23 37.70
CA SER B 151 6.28 5.10 38.55
C SER B 151 6.26 3.80 37.75
N SER B 152 5.87 3.91 36.48
CA SER B 152 5.82 2.77 35.58
C SER B 152 7.18 2.52 34.91
N ILE B 153 7.39 1.29 34.47
CA ILE B 153 8.64 0.88 33.80
C ILE B 153 8.38 0.45 32.36
N VAL B 154 9.18 0.98 31.44
CA VAL B 154 9.07 0.66 30.01
C VAL B 154 10.20 -0.30 29.59
N ASP B 155 9.81 -1.42 28.97
CA ASP B 155 10.76 -2.46 28.57
C ASP B 155 10.82 -2.58 27.04
N LEU B 156 12.03 -2.85 26.54
CA LEU B 156 12.27 -3.02 25.11
C LEU B 156 12.51 -4.48 24.73
N SER B 157 12.30 -5.38 25.70
CA SER B 157 12.60 -6.81 25.54
C SER B 157 11.84 -7.58 24.45
N PRO B 158 10.58 -7.21 24.16
CA PRO B 158 9.88 -7.88 23.05
C PRO B 158 10.48 -7.62 21.67
N LEU B 159 11.22 -6.52 21.52
CA LEU B 159 11.82 -6.16 20.24
C LEU B 159 13.16 -6.84 19.94
N ILE B 160 13.67 -7.59 20.91
CA ILE B 160 14.93 -8.33 20.73
C ILE B 160 14.78 -9.37 19.61
N HIS B 161 15.57 -9.21 18.56
CA HIS B 161 15.65 -10.18 17.49
C HIS B 161 16.40 -11.41 18.01
N ARG B 162 15.71 -12.55 18.06
CA ARG B 162 16.28 -13.78 18.62
C ARG B 162 16.56 -14.86 17.57
N THR B 163 16.47 -14.48 16.30
CA THR B 163 16.72 -15.42 15.20
C THR B 163 17.82 -14.90 14.26
N GLY B 164 17.71 -13.64 13.87
CA GLY B 164 18.67 -12.99 12.98
C GLY B 164 18.85 -11.53 13.36
N GLY B 165 18.54 -10.65 12.41
CA GLY B 165 18.65 -9.20 12.63
C GLY B 165 17.72 -8.38 11.76
N TYR B 166 17.46 -7.15 12.19
CA TYR B 166 16.62 -6.23 11.44
C TYR B 166 17.37 -5.68 10.23
N GLU B 167 16.75 -5.78 9.06
CA GLU B 167 17.35 -5.27 7.82
C GLU B 167 17.02 -3.79 7.62
N ALA B 168 18.06 -3.01 7.31
CA ALA B 168 17.92 -1.55 7.17
C ALA B 168 17.69 -1.10 5.73
N TYR B 169 16.96 0.01 5.60
CA TYR B 169 16.55 0.57 4.31
C TYR B 169 17.72 1.09 3.48
N ASP B 170 17.54 1.07 2.16
CA ASP B 170 18.50 1.66 1.22
C ASP B 170 18.27 3.18 1.13
N GLU B 171 19.03 3.91 1.95
CA GLU B 171 18.91 5.37 2.09
C GLU B 171 19.10 6.16 0.78
N SER B 172 19.94 5.64 -0.10
CA SER B 172 20.24 6.29 -1.37
C SER B 172 20.63 5.26 -2.44
N THR B 179 17.47 -9.80 -1.88
CA THR B 179 17.45 -8.34 -1.85
C THR B 179 18.75 -7.75 -1.31
N ASN B 180 19.00 -6.49 -1.64
CA ASN B 180 20.22 -5.79 -1.24
C ASN B 180 20.05 -5.05 0.10
N PRO B 181 20.74 -5.53 1.16
CA PRO B 181 20.69 -4.90 2.48
C PRO B 181 21.78 -3.84 2.66
N ASP B 182 21.64 -3.03 3.71
CA ASP B 182 22.62 -1.99 4.03
C ASP B 182 23.16 -2.11 5.47
N PHE B 183 22.25 -2.28 6.44
CA PHE B 183 22.64 -2.40 7.85
C PHE B 183 21.90 -3.52 8.57
N TYR B 184 22.56 -4.09 9.58
CA TYR B 184 21.98 -5.13 10.44
C TYR B 184 22.00 -4.70 11.90
N ILE B 185 20.88 -4.87 12.59
CA ILE B 185 20.69 -4.31 13.94
C ILE B 185 20.03 -5.29 14.93
N ASN B 186 20.53 -5.28 16.17
CA ASN B 186 19.92 -5.99 17.31
C ASN B 186 20.03 -5.12 18.56
N ILE B 187 18.92 -4.93 19.27
CA ILE B 187 18.81 -3.81 20.23
C ILE B 187 18.84 -4.10 21.74
N CYS B 188 19.47 -5.20 22.14
CA CYS B 188 19.77 -5.48 23.56
C CYS B 188 20.74 -6.65 23.71
N GLN B 189 20.49 -7.70 22.94
CA GLN B 189 21.40 -8.83 22.85
C GLN B 189 22.23 -8.69 21.58
N PRO B 190 23.45 -9.29 21.55
CA PRO B 190 24.28 -9.20 20.35
C PRO B 190 23.64 -9.87 19.14
N LEU B 191 24.00 -9.39 17.95
CA LEU B 191 23.41 -9.86 16.69
C LEU B 191 23.54 -11.37 16.50
N ASN B 192 22.44 -11.97 16.06
CA ASN B 192 22.35 -13.42 15.87
C ASN B 192 23.12 -13.93 14.64
N PRO B 193 23.42 -15.24 14.61
CA PRO B 193 24.24 -15.78 13.53
C PRO B 193 23.45 -15.98 12.23
N MET B 194 23.53 -14.99 11.34
CA MET B 194 22.91 -15.09 10.02
C MET B 194 23.80 -15.92 9.09
N HIS B 195 23.41 -16.00 7.81
CA HIS B 195 24.16 -16.79 6.85
C HIS B 195 24.87 -15.93 5.79
N ALA B 196 26.09 -16.34 5.46
CA ALA B 196 26.90 -15.72 4.38
C ALA B 196 27.22 -14.23 4.56
N VAL B 197 26.76 -13.65 5.67
CA VAL B 197 27.09 -12.26 6.01
C VAL B 197 27.96 -12.27 7.27
N PRO B 198 29.30 -12.22 7.09
CA PRO B 198 30.23 -12.36 8.21
C PRO B 198 30.35 -11.10 9.07
N CYS B 199 29.21 -10.66 9.62
CA CYS B 199 29.20 -9.57 10.60
C CYS B 199 29.96 -10.02 11.84
N PRO B 200 30.96 -9.23 12.27
CA PRO B 200 31.83 -9.61 13.38
C PRO B 200 31.02 -10.19 14.54
N ALA B 201 31.46 -11.35 15.03
CA ALA B 201 30.77 -12.01 16.14
C ALA B 201 30.62 -11.06 17.33
N GLY B 202 29.38 -10.87 17.76
CA GLY B 202 29.07 -9.93 18.83
C GLY B 202 29.09 -8.49 18.38
N ALA B 203 28.35 -8.20 17.31
CA ALA B 203 28.22 -6.83 16.80
C ALA B 203 26.75 -6.45 16.69
N ALA B 204 26.33 -5.52 17.55
CA ALA B 204 24.93 -5.07 17.59
C ALA B 204 24.50 -4.39 16.29
N VAL B 205 25.30 -3.44 15.81
CA VAL B 205 25.03 -2.77 14.54
C VAL B 205 26.13 -3.12 13.52
N CYS B 206 25.71 -3.45 12.30
CA CYS B 206 26.62 -3.94 11.27
C CYS B 206 26.36 -3.24 9.93
N LYS B 207 27.39 -2.58 9.41
CA LYS B 207 27.32 -1.94 8.09
C LYS B 207 27.94 -2.85 7.04
N VAL B 208 27.16 -3.16 6.02
CA VAL B 208 27.64 -3.99 4.90
C VAL B 208 27.70 -3.14 3.62
N PRO B 209 28.93 -2.76 3.21
CA PRO B 209 29.13 -2.07 1.93
C PRO B 209 29.36 -3.05 0.78
N ILE B 210 28.98 -2.65 -0.42
CA ILE B 210 29.19 -3.47 -1.62
C ILE B 210 30.69 -3.73 -1.83
N ASP B 211 31.49 -2.69 -1.61
CA ASP B 211 32.95 -2.80 -1.71
C ASP B 211 33.58 -2.96 -0.33
N GLY B 212 33.72 -4.21 0.11
CA GLY B 212 34.41 -4.51 1.37
C GLY B 212 33.65 -5.41 2.33
N PRO B 213 34.29 -5.76 3.46
CA PRO B 213 33.72 -6.62 4.49
C PRO B 213 32.70 -5.89 5.37
N PRO B 214 31.82 -6.64 6.07
CA PRO B 214 30.91 -6.03 7.04
C PRO B 214 31.66 -5.46 8.24
N ILE B 215 31.47 -4.17 8.50
CA ILE B 215 32.22 -3.45 9.53
C ILE B 215 31.43 -3.27 10.83
N ASP B 216 32.15 -3.40 11.95
CA ASP B 216 31.57 -3.23 13.28
C ASP B 216 31.30 -1.75 13.56
N ILE B 217 30.05 -1.33 13.38
CA ILE B 217 29.65 0.05 13.66
C ILE B 217 28.77 0.16 14.91
N GLY B 218 28.62 -0.94 15.64
CA GLY B 218 27.78 -0.97 16.84
C GLY B 218 28.00 -2.16 17.75
N ARG B 219 28.35 -1.86 19.01
CA ARG B 219 28.46 -2.87 20.06
C ARG B 219 27.64 -2.45 21.28
N VAL B 220 26.97 -3.42 21.89
CA VAL B 220 26.04 -3.17 23.00
C VAL B 220 26.69 -2.42 24.17
N ALA B 221 26.12 -1.26 24.50
CA ALA B 221 26.61 -0.43 25.59
C ALA B 221 25.79 -0.65 26.87
N GLY B 222 25.06 0.39 27.31
CA GLY B 222 24.27 0.31 28.53
C GLY B 222 22.77 0.30 28.29
N PRO B 223 21.98 0.20 29.38
CA PRO B 223 20.51 0.25 29.30
C PRO B 223 20.02 1.59 28.78
N PRO B 224 18.97 1.58 27.94
CA PRO B 224 18.44 2.78 27.26
C PRO B 224 18.18 3.96 28.21
N ILE B 225 18.57 5.15 27.79
CA ILE B 225 18.38 6.37 28.58
C ILE B 225 17.05 7.05 28.27
N LEU B 226 16.64 7.99 29.11
CA LEU B 226 15.36 8.66 28.98
C LEU B 226 15.52 10.19 28.90
N ASN B 227 14.88 10.79 27.90
CA ASN B 227 14.89 12.24 27.70
C ASN B 227 13.90 12.94 28.64
N PRO B 228 14.41 13.84 29.50
CA PRO B 228 13.58 14.58 30.46
C PRO B 228 12.52 15.47 29.81
N ILE B 229 12.81 16.03 28.64
CA ILE B 229 11.88 16.93 27.95
C ILE B 229 10.81 16.14 27.16
N ALA B 230 10.97 16.07 25.84
CA ALA B 230 9.99 15.40 24.97
C ALA B 230 10.10 13.87 25.05
N ASN B 231 9.91 13.34 26.26
CA ASN B 231 10.08 11.92 26.61
C ASN B 231 10.47 10.94 25.51
N GLU B 232 11.73 11.06 25.06
CA GLU B 232 12.29 10.14 24.09
C GLU B 232 13.25 9.16 24.75
N ILE B 233 13.47 8.02 24.12
CA ILE B 233 14.39 7.02 24.62
C ILE B 233 15.48 6.75 23.58
N TYR B 234 16.73 6.93 23.99
CA TYR B 234 17.88 6.65 23.14
C TYR B 234 18.49 5.31 23.51
N LEU B 235 19.30 4.78 22.60
CA LEU B 235 20.12 3.61 22.87
C LEU B 235 21.44 3.72 22.12
N ASN B 236 22.54 3.64 22.87
CA ASN B 236 23.87 3.87 22.31
C ASN B 236 24.62 2.59 21.98
N PHE B 237 25.41 2.66 20.89
CA PHE B 237 26.24 1.55 20.45
C PHE B 237 27.57 2.06 19.93
N GLU B 238 28.64 1.82 20.68
CA GLU B 238 29.99 2.23 20.29
C GLU B 238 30.59 1.26 19.26
N SER B 239 31.86 0.91 19.42
CA SER B 239 32.54 0.03 18.47
C SER B 239 33.82 -0.58 19.04
N SER B 240 34.65 -1.10 18.13
CA SER B 240 35.98 -1.62 18.45
C SER B 240 36.95 -1.19 17.37
N THR B 241 36.40 -0.83 16.20
CA THR B 241 37.18 -0.38 15.04
C THR B 241 37.16 1.15 14.92
N PRO B 242 38.29 1.75 14.52
CA PRO B 242 38.40 3.21 14.37
C PRO B 242 37.64 3.77 13.16
N CYS B 243 37.34 5.07 13.22
CA CYS B 243 36.66 5.78 12.14
C CYS B 243 37.65 6.65 11.35
N LEU B 244 37.24 7.08 10.16
CA LEU B 244 38.12 7.83 9.25
C LEU B 244 38.32 9.31 9.63
N ALA B 245 38.54 9.56 10.92
CA ALA B 245 38.80 10.91 11.43
C ALA B 245 39.73 10.88 12.64
N ASP B 246 39.64 9.80 13.42
CA ASP B 246 40.46 9.61 14.61
C ASP B 246 40.82 8.14 14.80
N ASN B 250 37.48 5.82 16.92
CA ASN B 250 36.35 4.99 17.33
C ASN B 250 35.05 5.35 16.64
N TYR B 251 34.37 4.32 16.11
CA TYR B 251 33.05 4.46 15.51
C TYR B 251 31.98 4.56 16.59
N THR B 252 30.83 5.15 16.24
CA THR B 252 29.70 5.25 17.16
C THR B 252 28.34 5.22 16.43
N SER B 253 27.32 4.72 17.12
CA SER B 253 25.96 4.62 16.58
C SER B 253 24.91 4.78 17.68
N LEU B 254 23.81 5.45 17.35
CA LEU B 254 22.73 5.71 18.30
C LEU B 254 21.36 5.45 17.71
N ILE B 255 20.47 4.87 18.53
CA ILE B 255 19.08 4.60 18.11
C ILE B 255 18.09 5.37 18.99
N ALA B 256 17.38 6.30 18.36
CA ALA B 256 16.34 7.08 19.02
C ALA B 256 14.96 6.44 18.81
N PHE B 257 14.02 6.81 19.67
CA PHE B 257 12.67 6.23 19.61
C PHE B 257 11.57 7.28 19.68
N HIS B 258 10.47 7.01 18.98
CA HIS B 258 9.26 7.82 19.05
C HIS B 258 8.08 7.00 19.55
N CYS B 259 6.89 7.60 19.50
CA CYS B 259 5.65 6.89 19.81
C CYS B 259 4.73 6.84 18.59
N LYS B 260 4.56 5.65 18.03
CA LYS B 260 3.67 5.43 16.90
C LYS B 260 2.89 4.13 17.10
N ARG B 261 1.67 4.27 17.61
CA ARG B 261 0.76 3.14 17.82
C ARG B 261 0.22 2.62 16.49
N GLY B 262 -0.05 1.32 16.43
CA GLY B 262 -0.57 0.69 15.22
C GLY B 262 -0.37 -0.82 15.21
N VAL B 263 -0.65 -1.41 14.04
CA VAL B 263 -0.50 -2.86 13.86
C VAL B 263 0.95 -3.31 13.77
N SER B 264 1.80 -2.45 13.21
CA SER B 264 3.21 -2.76 13.03
C SER B 264 4.04 -2.36 14.25
N MET B 265 5.01 -3.20 14.59
CA MET B 265 5.91 -2.93 15.71
C MET B 265 7.12 -2.09 15.30
N GLY B 266 7.13 -1.64 14.05
CA GLY B 266 8.17 -0.76 13.53
C GLY B 266 9.48 -1.44 13.21
N THR B 267 10.35 -0.71 12.52
CA THR B 267 11.68 -1.21 12.15
C THR B 267 12.69 -0.06 12.14
N PRO B 268 13.92 -0.31 12.64
CA PRO B 268 14.95 0.73 12.67
C PRO B 268 15.35 1.22 11.29
N LYS B 269 15.31 2.53 11.09
CA LYS B 269 15.63 3.17 9.82
C LYS B 269 16.79 4.15 9.99
N LEU B 270 17.53 4.38 8.91
CA LEU B 270 18.63 5.36 8.93
C LEU B 270 18.13 6.75 8.56
N LEU B 271 18.62 7.76 9.28
CA LEU B 271 18.27 9.15 8.99
C LEU B 271 19.52 9.99 8.73
N ARG B 272 20.30 10.24 9.78
CA ARG B 272 21.49 11.10 9.69
C ARG B 272 22.77 10.30 9.46
N THR B 273 23.58 10.79 8.53
CA THR B 273 24.83 10.13 8.15
C THR B 273 26.04 10.92 8.61
N SER B 274 26.05 11.31 9.89
CA SER B 274 27.17 12.02 10.48
C SER B 274 28.44 11.23 10.25
N GLU B 275 29.48 11.90 9.73
CA GLU B 275 30.66 11.24 9.16
C GLU B 275 31.27 10.11 10.00
N CYS B 276 31.25 10.27 11.31
CA CYS B 276 31.72 9.22 12.23
C CYS B 276 30.68 8.81 13.26
N ASP B 277 29.40 8.99 12.91
CA ASP B 277 28.29 8.71 13.82
C ASP B 277 27.03 8.29 13.06
N PHE B 278 26.38 7.23 13.53
CA PHE B 278 25.17 6.73 12.90
C PHE B 278 23.92 7.00 13.74
N VAL B 279 22.93 7.64 13.13
CA VAL B 279 21.68 7.98 13.81
C VAL B 279 20.53 7.16 13.23
N PHE B 280 19.90 6.36 14.09
CA PHE B 280 18.76 5.54 13.70
C PHE B 280 17.49 5.95 14.44
N GLU B 281 16.39 6.01 13.70
CA GLU B 281 15.10 6.47 14.25
C GLU B 281 14.04 5.37 14.12
N TRP B 282 13.59 4.87 15.27
CA TRP B 282 12.70 3.72 15.32
C TRP B 282 11.33 4.08 15.89
N GLU B 283 10.32 4.16 15.01
CA GLU B 283 8.95 4.44 15.42
C GLU B 283 8.25 3.15 15.85
N THR B 284 7.95 3.03 17.14
CA THR B 284 7.37 1.80 17.70
C THR B 284 6.37 2.07 18.84
N PRO B 285 5.30 1.25 18.92
CA PRO B 285 4.33 1.37 20.01
C PRO B 285 4.85 0.93 21.38
N VAL B 286 6.00 0.27 21.42
CA VAL B 286 6.59 -0.20 22.68
C VAL B 286 7.21 0.94 23.51
N VAL B 287 7.43 2.09 22.86
CA VAL B 287 7.92 3.30 23.52
C VAL B 287 6.75 4.26 23.75
N CYS B 288 5.55 3.68 23.81
CA CYS B 288 4.33 4.42 24.14
C CYS B 288 3.81 3.95 25.51
N PRO B 289 3.10 4.85 26.23
CA PRO B 289 2.56 4.44 27.53
C PRO B 289 1.24 3.67 27.40
N ASP B 290 0.83 3.05 28.50
CA ASP B 290 -0.47 2.39 28.56
C ASP B 290 -1.58 3.44 28.60
N GLU B 291 -2.43 3.45 27.59
CA GLU B 291 -3.52 4.42 27.48
C GLU B 291 -4.83 3.85 28.02
N VAL B 292 -5.37 4.49 29.05
CA VAL B 292 -6.67 4.12 29.62
C VAL B 292 -7.77 4.61 28.67
N ARG B 293 -8.68 3.70 28.31
CA ARG B 293 -9.72 3.95 27.31
C ARG B 293 -10.58 5.19 27.62
N MET B 294 -11.00 5.87 26.55
CA MET B 294 -11.86 7.05 26.63
C MET B 294 -13.14 6.82 27.44
N ASP B 295 -13.90 5.80 27.04
CA ASP B 295 -15.17 5.49 27.69
C ASP B 295 -15.23 4.01 28.10
N GLY B 296 -14.40 3.65 29.08
CA GLY B 296 -14.38 2.31 29.67
C GLY B 296 -14.31 1.16 28.70
N CYS B 297 -15.47 0.61 28.36
CA CYS B 297 -15.59 -0.54 27.48
C CYS B 297 -16.86 -0.41 26.63
N THR B 298 -16.98 0.74 25.95
CA THR B 298 -18.15 1.05 25.13
C THR B 298 -17.78 1.70 23.79
N LEU B 299 -18.73 1.72 22.87
CA LEU B 299 -18.55 2.31 21.54
C LEU B 299 -19.53 3.47 21.31
N THR B 300 -19.03 4.54 20.70
CA THR B 300 -19.86 5.70 20.36
C THR B 300 -19.43 6.36 19.03
N ASP B 301 -20.32 6.31 18.05
CA ASP B 301 -20.10 6.90 16.74
C ASP B 301 -21.19 7.92 16.43
N GLU B 302 -20.84 9.01 15.75
CA GLU B 302 -21.79 10.10 15.48
C GLU B 302 -22.81 9.79 14.38
N GLN B 303 -22.57 8.71 13.64
CA GLN B 303 -23.48 8.28 12.56
C GLN B 303 -24.80 7.74 13.11
N LEU B 304 -24.73 7.12 14.29
CA LEU B 304 -25.91 6.63 15.01
C LEU B 304 -26.17 7.44 16.28
N LEU B 305 -25.10 7.92 16.90
CA LEU B 305 -25.13 8.87 18.03
C LEU B 305 -25.29 8.26 19.43
N TYR B 306 -25.78 7.02 19.51
CA TYR B 306 -25.96 6.35 20.82
C TYR B 306 -24.87 5.30 21.10
N SER B 307 -24.73 4.93 22.38
CA SER B 307 -23.63 4.07 22.83
C SER B 307 -24.04 2.61 23.04
N PHE B 308 -23.13 1.69 22.69
CA PHE B 308 -23.31 0.26 22.93
C PHE B 308 -22.49 -0.20 24.13
N ASN B 309 -23.16 -0.79 25.12
CA ASN B 309 -22.50 -1.27 26.33
C ASN B 309 -21.94 -2.68 26.16
N LEU B 310 -20.61 -2.77 26.13
CA LEU B 310 -19.93 -4.06 25.98
C LEU B 310 -19.30 -4.51 27.31
N SER B 311 -19.50 -3.70 28.35
CA SER B 311 -19.01 -4.01 29.69
C SER B 311 -19.78 -5.16 30.34
N SER B 312 -20.94 -5.49 29.76
CA SER B 312 -21.75 -6.62 30.21
C SER B 312 -21.10 -7.95 29.83
N LEU B 313 -20.42 -7.96 28.69
CA LEU B 313 -19.74 -9.15 28.20
C LEU B 313 -18.37 -9.34 28.86
N SER B 314 -17.89 -8.29 29.53
CA SER B 314 -16.60 -8.33 30.22
C SER B 314 -16.70 -9.05 31.57
N THR B 315 -17.45 -10.16 31.58
CA THR B 315 -17.69 -10.92 32.81
C THR B 315 -16.54 -11.86 33.19
N SER B 316 -16.12 -12.71 32.26
CA SER B 316 -15.12 -13.74 32.53
C SER B 316 -14.39 -14.26 31.29
N THR B 317 -13.75 -15.42 31.43
CA THR B 317 -12.99 -16.07 30.37
C THR B 317 -13.88 -16.92 29.48
N PHE B 318 -13.57 -16.96 28.18
CA PHE B 318 -14.29 -17.79 27.22
C PHE B 318 -13.34 -18.73 26.48
N LYS B 319 -13.84 -19.92 26.12
CA LYS B 319 -12.99 -20.95 25.52
C LYS B 319 -13.46 -21.36 24.11
N VAL B 320 -13.13 -20.51 23.13
CA VAL B 320 -13.44 -20.80 21.73
C VAL B 320 -12.42 -21.78 21.18
N THR B 321 -12.92 -22.86 20.57
CA THR B 321 -12.06 -23.96 20.13
C THR B 321 -12.40 -24.44 18.73
N ARG B 322 -11.38 -24.54 17.88
CA ARG B 322 -11.50 -25.13 16.55
C ARG B 322 -10.22 -25.84 16.13
N ASP B 323 -10.35 -27.10 15.73
CA ASP B 323 -9.23 -27.96 15.30
C ASP B 323 -8.12 -28.04 16.35
N SER B 324 -8.47 -28.56 17.52
CA SER B 324 -7.55 -28.71 18.66
C SER B 324 -7.12 -27.38 19.29
N ARG B 325 -7.13 -26.31 18.50
CA ARG B 325 -6.72 -24.98 18.94
C ARG B 325 -7.76 -24.36 19.88
N THR B 326 -7.41 -24.29 21.16
CA THR B 326 -8.26 -23.68 22.17
C THR B 326 -7.77 -22.27 22.49
N TYR B 327 -8.56 -21.27 22.11
CA TYR B 327 -8.23 -19.88 22.38
C TYR B 327 -8.73 -19.46 23.77
N SER B 328 -8.59 -18.17 24.06
CA SER B 328 -9.10 -17.59 25.29
C SER B 328 -9.47 -16.13 25.02
N VAL B 329 -10.77 -15.86 24.91
CA VAL B 329 -11.24 -14.53 24.54
C VAL B 329 -11.97 -13.84 25.69
N GLY B 330 -11.32 -12.82 26.25
CA GLY B 330 -11.93 -12.00 27.30
C GLY B 330 -12.09 -10.58 26.79
N VAL B 331 -13.34 -10.19 26.56
CA VAL B 331 -13.64 -8.82 26.11
C VAL B 331 -13.33 -7.85 27.24
N CYS B 332 -12.52 -6.84 26.95
CA CYS B 332 -12.09 -5.83 27.94
C CYS B 332 -11.47 -6.45 29.20
N THR B 333 -10.95 -7.67 29.05
CA THR B 333 -10.33 -8.42 30.15
C THR B 333 -9.09 -9.16 29.63
N PHE B 334 -8.16 -9.47 30.52
CA PHE B 334 -6.99 -10.28 30.18
C PHE B 334 -7.43 -11.70 29.82
N ALA B 335 -6.94 -12.20 28.69
CA ALA B 335 -7.32 -13.51 28.16
C ALA B 335 -7.23 -14.61 29.21
N VAL B 336 -6.01 -14.83 29.72
CA VAL B 336 -5.79 -15.72 30.85
C VAL B 336 -5.68 -14.86 32.10
N GLY B 337 -6.24 -15.34 33.20
CA GLY B 337 -6.20 -14.63 34.48
C GLY B 337 -4.83 -14.65 35.14
N PRO B 338 -4.77 -14.38 36.45
CA PRO B 338 -3.48 -14.41 37.15
C PRO B 338 -2.98 -15.83 37.44
N GLU B 339 -3.84 -16.83 37.26
CA GLU B 339 -3.54 -18.21 37.66
C GLU B 339 -2.57 -18.94 36.71
N GLN B 340 -3.04 -19.27 35.50
CA GLN B 340 -2.17 -19.81 34.46
C GLN B 340 -1.25 -18.70 33.96
N GLY B 341 -1.85 -17.54 33.69
CA GLY B 341 -1.14 -16.31 33.37
C GLY B 341 -0.03 -16.37 32.33
N GLY B 342 -0.23 -17.21 31.31
CA GLY B 342 0.76 -17.40 30.25
C GLY B 342 0.88 -16.18 29.34
N CYS B 343 -0.27 -15.71 28.85
CA CYS B 343 -0.32 -14.56 27.95
C CYS B 343 -0.52 -13.24 28.70
N LYS B 344 0.56 -12.73 29.27
CA LYS B 344 0.54 -11.44 29.95
C LYS B 344 0.14 -10.34 28.96
N ASP B 345 -0.65 -9.38 29.43
CA ASP B 345 -1.21 -8.30 28.61
C ASP B 345 -2.18 -8.78 27.53
N GLY B 346 -2.09 -10.05 27.17
CA GLY B 346 -2.89 -10.63 26.09
C GLY B 346 -4.39 -10.57 26.30
N GLY B 347 -5.10 -10.07 25.29
CA GLY B 347 -6.56 -10.06 25.27
C GLY B 347 -7.11 -11.34 24.65
N VAL B 348 -6.34 -11.90 23.72
CA VAL B 348 -6.64 -13.20 23.10
C VAL B 348 -5.40 -14.09 23.25
N CYS B 349 -5.60 -15.32 23.73
CA CYS B 349 -4.48 -16.23 23.98
C CYS B 349 -4.74 -17.65 23.46
N LEU B 350 -3.94 -18.07 22.48
CA LEU B 350 -3.96 -19.45 22.00
C LEU B 350 -3.24 -20.34 23.00
N LEU B 351 -3.97 -21.30 23.54
CA LEU B 351 -3.46 -22.12 24.63
C LEU B 351 -2.75 -23.39 24.17
N SER B 352 -1.68 -23.72 24.88
CA SER B 352 -0.96 -24.97 24.71
C SER B 352 -0.75 -25.61 26.08
N GLY B 353 -0.96 -24.80 27.12
CA GLY B 353 -0.74 -25.22 28.50
C GLY B 353 0.73 -25.22 28.89
N THR B 354 1.60 -25.00 27.91
CA THR B 354 3.05 -25.07 28.11
C THR B 354 3.78 -23.75 27.76
N LYS B 355 3.26 -23.02 26.78
CA LYS B 355 3.91 -21.80 26.29
C LYS B 355 3.00 -20.57 26.38
N GLY B 356 1.88 -20.61 25.66
CA GLY B 356 0.93 -19.51 25.61
C GLY B 356 1.37 -18.39 24.69
N ALA B 357 0.58 -18.14 23.65
CA ALA B 357 0.90 -17.11 22.66
C ALA B 357 -0.22 -16.10 22.48
N SER B 358 0.07 -14.85 22.83
CA SER B 358 -0.90 -13.75 22.76
C SER B 358 -1.16 -13.30 21.32
N PHE B 359 -2.34 -12.74 21.09
CA PHE B 359 -2.71 -12.22 19.77
C PHE B 359 -3.00 -10.73 19.80
N GLY B 360 -2.66 -10.08 20.91
CA GLY B 360 -2.85 -8.65 21.06
C GLY B 360 -2.95 -8.19 22.50
N ARG B 361 -2.21 -7.13 22.82
CA ARG B 361 -2.25 -6.53 24.15
C ARG B 361 -3.63 -5.95 24.44
N LEU B 362 -4.11 -6.17 25.66
CA LEU B 362 -5.41 -5.68 26.11
C LEU B 362 -5.50 -4.16 26.04
N GLN B 363 -4.36 -3.51 26.27
CA GLN B 363 -4.27 -2.05 26.28
C GLN B 363 -4.38 -1.45 24.88
N SER B 364 -3.97 -2.21 23.87
CA SER B 364 -3.98 -1.77 22.48
C SER B 364 -5.39 -1.75 21.87
N MET B 365 -6.36 -2.20 22.65
CA MET B 365 -7.75 -2.34 22.23
C MET B 365 -8.32 -1.11 21.52
N LYS B 366 -9.02 -1.36 20.40
CA LYS B 366 -9.70 -0.30 19.66
C LYS B 366 -11.11 -0.74 19.26
N LEU B 367 -12.06 0.18 19.39
CA LEU B 367 -13.45 -0.06 18.99
C LEU B 367 -13.89 0.90 17.90
N ASP B 368 -14.47 0.34 16.84
CA ASP B 368 -14.97 1.14 15.71
C ASP B 368 -16.38 0.70 15.32
N TYR B 369 -16.78 1.04 14.10
CA TYR B 369 -18.10 0.68 13.57
C TYR B 369 -18.01 0.37 12.08
N ARG B 370 -18.49 -0.81 11.71
CA ARG B 370 -18.60 -1.19 10.30
C ARG B 370 -19.95 -0.71 9.78
N HIS B 371 -19.91 0.15 8.77
CA HIS B 371 -21.13 0.71 8.18
C HIS B 371 -21.70 -0.20 7.10
N GLN B 372 -20.89 -1.18 6.67
CA GLN B 372 -21.29 -2.16 5.66
C GLN B 372 -22.29 -3.16 6.22
N ASP B 373 -21.82 -4.02 7.14
CA ASP B 373 -22.67 -5.06 7.74
C ASP B 373 -23.30 -4.60 9.05
N GLU B 374 -23.15 -3.32 9.37
CA GLU B 374 -23.65 -2.72 10.62
C GLU B 374 -23.12 -3.45 11.86
N ALA B 375 -21.82 -3.72 11.86
CA ALA B 375 -21.17 -4.49 12.93
C ALA B 375 -20.24 -3.64 13.79
N VAL B 376 -20.04 -4.09 15.03
CA VAL B 376 -19.12 -3.43 15.95
C VAL B 376 -17.83 -4.25 16.03
N VAL B 377 -16.71 -3.61 15.71
CA VAL B 377 -15.43 -4.31 15.60
C VAL B 377 -14.48 -4.03 16.78
N LEU B 378 -14.31 -5.06 17.60
CA LEU B 378 -13.31 -5.05 18.68
C LEU B 378 -12.00 -5.58 18.12
N SER B 379 -10.88 -4.98 18.54
CA SER B 379 -9.56 -5.41 18.05
C SER B 379 -8.42 -5.05 18.99
N TYR B 380 -7.55 -6.03 19.25
CA TYR B 380 -6.28 -5.80 19.96
C TYR B 380 -5.13 -5.97 18.97
N VAL B 381 -3.92 -5.66 19.41
CA VAL B 381 -2.72 -5.80 18.56
C VAL B 381 -1.44 -5.86 19.40
N ASN B 382 -0.32 -6.17 18.74
CA ASN B 382 1.01 -6.20 19.36
C ASN B 382 1.17 -7.30 20.41
N GLY B 383 0.97 -8.53 19.98
CA GLY B 383 1.11 -9.69 20.87
C GLY B 383 2.50 -10.26 20.80
N ASP B 384 2.64 -11.38 20.08
CA ASP B 384 3.93 -12.01 19.82
C ASP B 384 4.23 -11.98 18.33
N ARG B 385 5.46 -12.35 17.97
CA ARG B 385 5.85 -12.46 16.56
C ARG B 385 5.08 -13.57 15.86
N CYS B 386 4.69 -13.30 14.61
CA CYS B 386 3.93 -14.25 13.81
C CYS B 386 4.74 -15.51 13.49
N PRO B 387 4.05 -16.64 13.22
CA PRO B 387 4.75 -17.91 12.99
C PRO B 387 5.66 -17.88 11.77
N PRO B 388 6.85 -18.49 11.87
CA PRO B 388 7.79 -18.62 10.76
C PRO B 388 7.29 -19.52 9.63
N GLU B 389 7.84 -19.33 8.44
CA GLU B 389 7.47 -20.10 7.26
C GLU B 389 8.71 -20.64 6.56
N THR B 390 8.51 -21.61 5.66
CA THR B 390 9.58 -22.08 4.78
C THR B 390 9.69 -21.12 3.59
N ASP B 391 10.80 -21.21 2.86
CA ASP B 391 11.05 -20.34 1.71
C ASP B 391 9.94 -20.43 0.65
N ASP B 392 9.42 -21.64 0.44
CA ASP B 392 8.44 -21.92 -0.60
C ASP B 392 7.05 -21.35 -0.30
N GLY B 393 6.66 -21.37 0.97
CA GLY B 393 5.39 -20.78 1.39
C GLY B 393 4.50 -21.67 2.25
N VAL B 394 5.00 -22.85 2.59
CA VAL B 394 4.25 -23.79 3.45
C VAL B 394 4.64 -23.60 4.92
N PRO B 395 3.65 -23.30 5.79
CA PRO B 395 3.87 -22.93 7.19
C PRO B 395 4.49 -24.03 8.03
N CYS B 396 5.24 -23.61 9.06
CA CYS B 396 5.90 -24.52 9.99
C CYS B 396 4.92 -25.09 10.99
N VAL B 397 5.11 -26.37 11.34
CA VAL B 397 4.24 -27.07 12.27
C VAL B 397 4.90 -27.21 13.64
N PHE B 398 4.28 -26.60 14.64
CA PHE B 398 4.79 -26.66 16.02
C PHE B 398 3.75 -27.25 16.99
N PRO B 399 4.19 -28.17 17.87
CA PRO B 399 5.56 -28.69 17.97
C PRO B 399 5.83 -29.90 17.06
N PHE B 400 7.10 -30.19 16.82
CA PHE B 400 7.49 -31.36 16.03
C PHE B 400 8.61 -32.16 16.68
N ILE B 401 8.71 -33.44 16.31
CA ILE B 401 9.69 -34.35 16.90
C ILE B 401 10.94 -34.51 16.02
N PHE B 402 12.11 -34.47 16.66
CA PHE B 402 13.38 -34.68 15.99
C PHE B 402 14.35 -35.42 16.91
N ASN B 403 14.78 -36.59 16.47
CA ASN B 403 15.63 -37.50 17.26
C ASN B 403 15.12 -37.74 18.69
N GLY B 404 13.80 -37.89 18.81
CA GLY B 404 13.15 -38.15 20.09
C GLY B 404 13.01 -36.94 20.99
N LYS B 405 12.97 -35.75 20.39
CA LYS B 405 12.82 -34.50 21.14
C LYS B 405 11.75 -33.63 20.52
N SER B 406 11.03 -32.87 21.36
CA SER B 406 10.01 -31.94 20.88
C SER B 406 10.59 -30.53 20.74
N TYR B 407 10.29 -29.88 19.61
CA TYR B 407 10.85 -28.55 19.32
C TYR B 407 9.78 -27.50 19.03
N GLU B 408 10.02 -26.29 19.53
CA GLU B 408 9.04 -25.20 19.48
C GLU B 408 9.28 -24.16 18.39
N GLU B 409 10.55 -23.92 18.06
CA GLU B 409 10.91 -22.97 17.01
C GLU B 409 11.84 -23.59 15.96
N CYS B 410 12.14 -22.83 14.91
CA CYS B 410 13.09 -23.27 13.89
C CYS B 410 14.44 -23.58 14.52
N ILE B 411 14.94 -24.78 14.28
CA ILE B 411 16.19 -25.24 14.90
C ILE B 411 17.34 -25.34 13.89
N ILE B 412 18.50 -25.78 14.37
CA ILE B 412 19.69 -25.93 13.52
C ILE B 412 20.45 -27.23 13.81
N GLU B 413 19.84 -28.35 13.43
CA GLU B 413 20.46 -29.66 13.56
C GLU B 413 20.75 -30.23 12.17
N SER B 414 22.03 -30.52 11.92
CA SER B 414 22.53 -31.05 10.65
C SER B 414 22.21 -30.19 9.41
N ARG B 415 21.86 -28.93 9.65
CA ARG B 415 21.57 -27.98 8.57
C ARG B 415 22.16 -26.60 8.87
N ALA B 416 22.50 -25.88 7.80
CA ALA B 416 23.18 -24.58 7.90
C ALA B 416 22.27 -23.44 8.38
N LYS B 417 21.27 -23.11 7.56
CA LYS B 417 20.30 -22.06 7.89
C LYS B 417 19.26 -22.63 8.86
N LEU B 418 18.47 -21.74 9.47
CA LEU B 418 17.41 -22.13 10.41
C LEU B 418 16.27 -22.85 9.68
N TRP B 419 15.87 -24.01 10.19
CA TRP B 419 14.88 -24.86 9.53
C TRP B 419 13.79 -25.38 10.48
N CYS B 420 12.60 -25.60 9.93
CA CYS B 420 11.47 -26.17 10.67
C CYS B 420 10.95 -27.41 9.94
N SER B 421 9.90 -28.02 10.49
CA SER B 421 9.23 -29.15 9.85
C SER B 421 7.84 -28.74 9.34
N THR B 422 7.48 -29.26 8.17
CA THR B 422 6.14 -28.99 7.58
C THR B 422 5.11 -30.05 8.00
N THR B 423 5.58 -31.04 8.75
CA THR B 423 4.71 -32.07 9.32
C THR B 423 4.79 -32.02 10.84
N ALA B 424 3.96 -32.82 11.50
CA ALA B 424 3.98 -32.93 12.96
C ALA B 424 5.21 -33.69 13.47
N ASP B 425 5.89 -34.40 12.56
CA ASP B 425 7.09 -35.17 12.89
C ASP B 425 8.02 -35.26 11.68
N TYR B 426 9.28 -34.88 11.92
CA TYR B 426 10.32 -34.96 10.89
C TYR B 426 10.91 -36.37 10.81
N ASP B 427 11.17 -36.97 11.97
CA ASP B 427 11.74 -38.32 12.04
C ASP B 427 10.94 -39.33 11.23
N ARG B 428 9.63 -39.10 11.16
CA ARG B 428 8.69 -40.02 10.52
C ARG B 428 8.50 -39.73 9.04
N ASP B 429 8.35 -38.46 8.68
CA ASP B 429 7.98 -38.08 7.31
C ASP B 429 9.09 -37.39 6.51
N HIS B 430 10.12 -36.93 7.22
CA HIS B 430 11.27 -36.21 6.62
C HIS B 430 10.83 -35.06 5.70
N GLU B 431 10.13 -34.10 6.29
CA GLU B 431 9.65 -32.93 5.56
C GLU B 431 10.15 -31.66 6.23
N TRP B 432 10.78 -30.79 5.44
CA TRP B 432 11.41 -29.58 5.98
C TRP B 432 11.48 -28.42 4.97
N GLY B 433 12.03 -27.30 5.44
CA GLY B 433 12.25 -26.10 4.63
C GLY B 433 12.91 -25.04 5.49
N PHE B 434 13.84 -24.29 4.90
CA PHE B 434 14.55 -23.23 5.62
C PHE B 434 13.59 -22.11 6.04
N CYS B 435 13.69 -21.70 7.30
CA CYS B 435 12.80 -20.70 7.89
C CYS B 435 13.10 -19.27 7.43
N ARG B 436 12.06 -18.57 6.96
CA ARG B 436 12.11 -17.12 6.75
C ARG B 436 11.04 -16.44 7.61
N HIS B 437 11.50 -15.83 8.71
CA HIS B 437 10.62 -15.25 9.72
C HIS B 437 9.98 -13.95 9.27
N SER B 438 8.74 -13.73 9.72
CA SER B 438 8.03 -12.49 9.43
C SER B 438 8.34 -11.45 10.51
N ASN B 439 8.41 -10.19 10.09
CA ASN B 439 8.72 -9.08 10.99
C ASN B 439 7.48 -8.43 11.60
N SER B 440 6.32 -9.02 11.35
CA SER B 440 5.05 -8.53 11.90
C SER B 440 4.62 -9.31 13.14
N TYR B 441 3.78 -8.69 13.97
CA TYR B 441 3.30 -9.28 15.22
C TYR B 441 1.80 -9.60 15.14
N ARG B 442 1.35 -10.50 16.03
CA ARG B 442 0.00 -11.08 15.95
C ARG B 442 -1.13 -10.10 16.29
N THR B 443 -2.24 -10.26 15.57
CA THR B 443 -3.44 -9.44 15.73
C THR B 443 -4.67 -10.32 15.96
N SER B 444 -5.72 -9.73 16.52
CA SER B 444 -7.01 -10.42 16.70
C SER B 444 -8.16 -9.42 16.80
N SER B 445 -9.27 -9.75 16.13
CA SER B 445 -10.43 -8.86 16.10
C SER B 445 -11.77 -9.60 16.19
N ILE B 446 -12.67 -9.06 17.01
CA ILE B 446 -14.02 -9.60 17.16
C ILE B 446 -15.04 -8.70 16.45
N ILE B 447 -15.75 -9.27 15.49
CA ILE B 447 -16.81 -8.56 14.78
C ILE B 447 -18.18 -8.89 15.36
N PHE B 448 -18.57 -8.13 16.38
CA PHE B 448 -19.85 -8.32 17.06
C PHE B 448 -21.03 -8.16 16.10
N LYS B 449 -21.95 -9.12 16.15
CA LYS B 449 -23.09 -9.14 15.24
C LYS B 449 -24.42 -9.27 15.99
N CYS B 450 -25.51 -9.03 15.28
CA CYS B 450 -26.84 -8.89 15.89
C CYS B 450 -27.61 -10.20 16.02
N ASP B 451 -28.14 -10.43 17.22
CA ASP B 451 -29.05 -11.55 17.49
C ASP B 451 -29.86 -11.25 18.74
N GLU B 452 -31.19 -11.24 18.59
CA GLU B 452 -32.10 -10.80 19.67
C GLU B 452 -32.24 -11.78 20.83
N ASP B 453 -32.20 -13.08 20.52
CA ASP B 453 -32.43 -14.13 21.51
C ASP B 453 -31.20 -14.47 22.34
N GLU B 454 -30.02 -14.19 21.79
CA GLU B 454 -28.75 -14.45 22.48
C GLU B 454 -28.53 -13.43 23.60
N ASP B 455 -29.12 -13.69 24.76
CA ASP B 455 -28.99 -12.83 25.93
C ASP B 455 -27.52 -12.66 26.32
N ILE B 456 -26.87 -13.78 26.61
CA ILE B 456 -25.42 -13.84 26.78
C ILE B 456 -24.88 -14.87 25.80
N GLY B 457 -24.48 -14.40 24.62
CA GLY B 457 -24.09 -15.27 23.50
C GLY B 457 -22.73 -15.92 23.62
N ARG B 458 -22.33 -16.63 22.57
CA ARG B 458 -21.05 -17.33 22.53
C ARG B 458 -20.22 -16.94 21.30
N PRO B 459 -18.94 -16.56 21.52
CA PRO B 459 -18.01 -16.27 20.44
C PRO B 459 -17.57 -17.52 19.69
N GLN B 460 -17.46 -17.42 18.36
CA GLN B 460 -17.01 -18.52 17.51
C GLN B 460 -15.92 -18.04 16.55
N VAL B 461 -15.00 -18.93 16.19
CA VAL B 461 -13.92 -18.60 15.26
C VAL B 461 -14.45 -18.41 13.84
N PHE B 462 -14.20 -17.23 13.28
CA PHE B 462 -14.64 -16.92 11.92
C PHE B 462 -13.58 -17.27 10.88
N SER B 463 -12.35 -16.78 11.10
CA SER B 463 -11.24 -17.06 10.19
C SER B 463 -9.87 -16.95 10.87
N GLU B 464 -9.01 -17.94 10.59
CA GLU B 464 -7.63 -17.93 11.03
C GLU B 464 -6.74 -17.73 9.80
N VAL B 465 -5.89 -16.70 9.83
CA VAL B 465 -5.01 -16.41 8.71
C VAL B 465 -3.54 -16.54 9.13
N ARG B 466 -2.91 -17.64 8.70
CA ARG B 466 -1.48 -17.92 8.91
C ARG B 466 -1.02 -18.01 10.38
N GLY B 467 -1.94 -17.78 11.31
CA GLY B 467 -1.60 -17.69 12.72
C GLY B 467 -1.04 -16.32 13.08
N CYS B 468 -1.08 -15.41 12.09
CA CYS B 468 -0.61 -14.04 12.24
C CYS B 468 -1.81 -13.12 12.52
N ASP B 469 -3.02 -13.67 12.39
CA ASP B 469 -4.26 -12.96 12.64
C ASP B 469 -5.43 -13.92 12.89
N VAL B 470 -6.25 -13.62 13.89
CA VAL B 470 -7.47 -14.38 14.15
C VAL B 470 -8.68 -13.44 14.13
N THR B 471 -9.82 -13.94 13.62
CA THR B 471 -11.06 -13.18 13.61
C THR B 471 -12.18 -13.99 14.25
N PHE B 472 -12.80 -13.41 15.27
CA PHE B 472 -13.93 -14.05 15.97
C PHE B 472 -15.26 -13.42 15.58
N GLU B 473 -16.30 -14.24 15.53
CA GLU B 473 -17.66 -13.76 15.31
C GLU B 473 -18.53 -14.05 16.53
N TRP B 474 -18.75 -13.02 17.34
CA TRP B 474 -19.55 -13.12 18.55
C TRP B 474 -20.93 -12.52 18.30
N LYS B 475 -21.97 -13.34 18.47
CA LYS B 475 -23.35 -12.87 18.31
C LYS B 475 -24.03 -12.66 19.67
N THR B 476 -24.39 -11.41 19.94
CA THR B 476 -25.04 -11.04 21.20
C THR B 476 -26.22 -10.09 21.00
N LYS B 477 -27.01 -9.92 22.06
CA LYS B 477 -28.20 -9.06 22.04
C LYS B 477 -27.87 -7.58 22.14
N VAL B 478 -26.80 -7.27 22.88
CA VAL B 478 -26.50 -5.88 23.29
C VAL B 478 -26.13 -4.93 22.15
N VAL B 479 -25.61 -5.49 21.05
CA VAL B 479 -25.15 -4.69 19.91
C VAL B 479 -26.24 -4.45 18.85
N CYS B 480 -27.47 -4.18 19.30
CA CYS B 480 -28.60 -3.99 18.40
C CYS B 480 -29.56 -2.84 18.77
N PRO B 481 -30.13 -2.86 20.00
CA PRO B 481 -31.37 -2.14 20.34
C PRO B 481 -31.51 -0.69 19.86
N PRO B 482 -32.29 -0.47 18.78
CA PRO B 482 -32.72 0.86 18.38
C PRO B 482 -34.11 1.21 18.90
N LYS B 483 -34.73 0.27 19.61
CA LYS B 483 -36.08 0.43 20.14
C LYS B 483 -36.15 1.43 21.28
N GLU C 6 51.82 -28.46 -4.53
CA GLU C 6 50.68 -28.63 -3.59
C GLU C 6 49.39 -29.01 -4.36
N THR C 7 49.26 -30.30 -4.63
CA THR C 7 48.12 -30.81 -5.39
C THR C 7 47.03 -31.32 -4.45
N LEU C 8 45.78 -30.96 -4.77
CA LEU C 8 44.62 -31.42 -4.01
C LEU C 8 43.90 -32.51 -4.78
N CYS C 9 44.02 -33.75 -4.31
CA CYS C 9 43.57 -34.91 -5.07
C CYS C 9 42.67 -35.90 -4.32
N GLY C 10 41.97 -36.72 -5.09
CA GLY C 10 41.12 -37.78 -4.56
C GLY C 10 39.93 -37.26 -3.80
N GLY C 11 39.62 -37.92 -2.68
CA GLY C 11 38.51 -37.54 -1.82
C GLY C 11 38.68 -36.17 -1.20
N GLU C 12 39.93 -35.78 -0.99
CA GLU C 12 40.25 -34.46 -0.44
C GLU C 12 39.80 -33.34 -1.38
N LEU C 13 39.89 -33.60 -2.69
CA LEU C 13 39.37 -32.68 -3.70
C LEU C 13 37.84 -32.60 -3.64
N VAL C 14 37.19 -33.76 -3.51
CA VAL C 14 35.73 -33.85 -3.51
C VAL C 14 35.12 -33.22 -2.26
N ASP C 15 35.67 -33.56 -1.10
CA ASP C 15 35.18 -33.04 0.19
C ASP C 15 35.13 -31.51 0.23
N THR C 16 36.16 -30.89 -0.33
CA THR C 16 36.29 -29.43 -0.33
C THR C 16 35.31 -28.78 -1.32
N LEU C 17 34.96 -29.49 -2.38
CA LEU C 17 34.03 -28.99 -3.39
C LEU C 17 32.63 -28.68 -2.83
N GLN C 18 32.05 -29.64 -2.11
CA GLN C 18 30.75 -29.42 -1.49
C GLN C 18 30.83 -28.48 -0.29
N PHE C 19 32.03 -28.28 0.25
CA PHE C 19 32.25 -27.31 1.30
C PHE C 19 32.18 -25.89 0.75
N VAL C 20 32.59 -25.73 -0.49
CA VAL C 20 32.51 -24.44 -1.18
C VAL C 20 31.13 -24.25 -1.81
N CYS C 21 30.66 -25.27 -2.52
CA CYS C 21 29.39 -25.20 -3.26
C CYS C 21 28.20 -25.65 -2.42
N GLY C 22 28.16 -26.95 -2.11
CA GLY C 22 27.12 -27.52 -1.27
C GLY C 22 25.76 -27.61 -1.93
N ASP C 23 24.80 -26.86 -1.38
CA ASP C 23 23.41 -26.86 -1.86
C ASP C 23 23.30 -26.53 -3.35
N ARG C 24 24.11 -25.57 -3.79
CA ARG C 24 24.20 -25.20 -5.20
C ARG C 24 24.64 -26.41 -6.03
N GLY C 25 25.67 -27.10 -5.53
CA GLY C 25 26.21 -28.27 -6.21
C GLY C 25 27.47 -27.93 -6.98
N PHE C 26 28.15 -28.97 -7.45
CA PHE C 26 29.40 -28.80 -8.19
C PHE C 26 29.53 -29.79 -9.34
N TYR C 27 30.11 -29.32 -10.44
CA TYR C 27 30.39 -30.15 -11.60
C TYR C 27 31.88 -30.45 -11.73
N PHE C 28 32.21 -31.39 -12.61
CA PHE C 28 33.60 -31.73 -12.91
C PHE C 28 33.97 -31.33 -14.34
N SER C 29 33.01 -30.71 -15.03
CA SER C 29 33.18 -30.27 -16.42
C SER C 29 33.22 -28.74 -16.49
N ARG C 40 39.35 -28.29 -20.54
CA ARG C 40 39.90 -29.00 -19.38
C ARG C 40 38.88 -29.14 -18.25
N GLY C 41 39.10 -30.14 -17.40
CA GLY C 41 38.23 -30.38 -16.24
C GLY C 41 38.87 -29.88 -14.96
N ILE C 42 38.12 -29.99 -13.86
CA ILE C 42 38.59 -29.52 -12.55
C ILE C 42 39.77 -30.33 -12.02
N VAL C 43 39.73 -31.65 -12.22
CA VAL C 43 40.80 -32.54 -11.78
C VAL C 43 42.13 -32.09 -12.38
N GLU C 44 42.09 -31.71 -13.66
CA GLU C 44 43.28 -31.28 -14.40
C GLU C 44 43.90 -29.98 -13.89
N GLU C 45 43.12 -29.18 -13.16
CA GLU C 45 43.56 -27.84 -12.76
C GLU C 45 44.00 -27.77 -11.29
N CYS C 46 43.35 -28.56 -10.43
CA CYS C 46 43.57 -28.49 -8.99
C CYS C 46 44.18 -29.77 -8.39
N CYS C 47 44.15 -30.86 -9.16
CA CYS C 47 44.74 -32.12 -8.73
C CYS C 47 45.98 -32.46 -9.55
N PHE C 48 45.89 -32.32 -10.87
CA PHE C 48 47.05 -32.47 -11.74
C PHE C 48 48.02 -31.31 -11.51
N ARG C 49 47.47 -30.17 -11.09
CA ARG C 49 48.24 -28.98 -10.74
C ARG C 49 47.77 -28.41 -9.40
N SER C 50 47.82 -27.08 -9.27
CA SER C 50 47.33 -26.40 -8.08
C SER C 50 46.43 -25.23 -8.47
N CYS C 51 45.43 -24.96 -7.64
CA CYS C 51 44.51 -23.84 -7.85
C CYS C 51 44.07 -23.26 -6.52
N ASP C 52 43.56 -22.03 -6.54
CA ASP C 52 43.00 -21.41 -5.35
C ASP C 52 41.51 -21.77 -5.21
N LEU C 53 40.90 -21.33 -4.11
CA LEU C 53 39.48 -21.59 -3.87
C LEU C 53 38.56 -20.85 -4.85
N ALA C 54 39.10 -19.81 -5.50
CA ALA C 54 38.34 -19.07 -6.52
C ALA C 54 38.18 -19.87 -7.81
N LEU C 55 39.27 -20.50 -8.26
CA LEU C 55 39.23 -21.41 -9.40
C LEU C 55 38.50 -22.70 -9.06
N LEU C 56 38.15 -22.86 -7.79
CA LEU C 56 37.37 -24.00 -7.32
C LEU C 56 35.88 -23.67 -7.33
N GLU C 57 35.55 -22.44 -6.94
CA GLU C 57 34.16 -21.98 -6.91
C GLU C 57 33.64 -21.62 -8.31
N THR C 58 34.53 -21.63 -9.30
CA THR C 58 34.15 -21.47 -10.69
C THR C 58 33.39 -22.71 -11.13
N TYR C 59 33.68 -23.84 -10.48
CA TYR C 59 33.03 -25.12 -10.77
C TYR C 59 31.75 -25.35 -9.96
N CYS C 60 31.41 -24.42 -9.07
CA CYS C 60 30.15 -24.47 -8.33
C CYS C 60 28.97 -24.26 -9.28
N ALA C 61 27.95 -25.10 -9.15
CA ALA C 61 26.76 -25.02 -10.00
C ALA C 61 26.02 -23.71 -9.79
N THR C 62 25.27 -23.30 -10.81
CA THR C 62 24.52 -22.04 -10.81
C THR C 62 23.38 -22.03 -9.78
N PRO C 63 23.30 -20.96 -8.97
CA PRO C 63 22.23 -20.81 -7.99
C PRO C 63 20.89 -20.48 -8.65
N GLU D 6 25.28 10.14 -29.18
CA GLU D 6 24.18 9.45 -28.44
C GLU D 6 23.14 8.90 -29.40
N THR D 7 23.33 7.65 -29.82
CA THR D 7 22.49 7.02 -30.84
C THR D 7 21.23 6.36 -30.27
N LEU D 8 20.19 6.27 -31.10
CA LEU D 8 18.90 5.72 -30.71
C LEU D 8 18.48 4.65 -31.71
N CYS D 9 19.00 3.44 -31.53
CA CYS D 9 18.85 2.36 -32.52
C CYS D 9 18.03 1.16 -32.05
N GLY D 10 17.72 0.26 -32.99
CA GLY D 10 17.03 -1.00 -32.70
C GLY D 10 15.59 -0.85 -32.28
N GLY D 11 15.16 -1.69 -31.34
CA GLY D 11 13.81 -1.62 -30.78
C GLY D 11 13.60 -0.42 -29.88
N GLU D 12 14.71 0.16 -29.42
CA GLU D 12 14.70 1.34 -28.55
C GLU D 12 14.30 2.62 -29.30
N LEU D 13 14.34 2.57 -30.63
CA LEU D 13 13.80 3.63 -31.48
C LEU D 13 12.30 3.41 -31.73
N VAL D 14 11.93 2.13 -31.88
CA VAL D 14 10.55 1.73 -32.18
C VAL D 14 9.62 2.00 -30.99
N ASP D 15 10.07 1.64 -29.80
CA ASP D 15 9.30 1.87 -28.57
C ASP D 15 9.09 3.36 -28.29
N THR D 16 10.06 4.17 -28.69
CA THR D 16 10.01 5.63 -28.53
C THR D 16 9.06 6.28 -29.54
N LEU D 17 8.96 5.70 -30.73
CA LEU D 17 8.06 6.19 -31.78
C LEU D 17 6.60 6.23 -31.35
N GLN D 18 6.10 5.09 -30.87
CA GLN D 18 4.71 4.95 -30.43
C GLN D 18 4.44 5.69 -29.12
N PHE D 19 5.50 5.96 -28.38
CA PHE D 19 5.40 6.77 -27.17
C PHE D 19 5.08 8.23 -27.52
N VAL D 20 5.58 8.67 -28.67
CA VAL D 20 5.33 10.03 -29.13
C VAL D 20 4.11 10.09 -30.06
N CYS D 21 4.07 9.17 -31.04
CA CYS D 21 3.02 9.17 -32.04
C CYS D 21 1.72 8.53 -31.55
N GLY D 22 1.83 7.31 -31.02
CA GLY D 22 0.70 6.60 -30.45
C GLY D 22 -0.37 6.22 -31.46
N ASP D 23 -1.60 6.63 -31.20
CA ASP D 23 -2.75 6.32 -32.06
C ASP D 23 -2.72 7.06 -33.40
N ARG D 24 -1.93 8.13 -33.47
CA ARG D 24 -1.71 8.84 -34.74
C ARG D 24 -0.94 7.96 -35.72
N GLY D 25 -0.01 7.17 -35.18
CA GLY D 25 0.84 6.31 -35.98
C GLY D 25 2.09 7.03 -36.44
N PHE D 26 3.04 6.28 -36.98
CA PHE D 26 4.30 6.84 -37.46
C PHE D 26 4.76 6.19 -38.76
N TYR D 27 5.66 6.88 -39.46
CA TYR D 27 6.27 6.35 -40.67
C TYR D 27 7.73 5.98 -40.40
N PHE D 28 8.46 5.73 -41.49
CA PHE D 28 9.91 5.63 -41.46
C PHE D 28 10.49 6.48 -42.60
N SER D 29 9.62 7.24 -43.24
CA SER D 29 9.98 8.15 -44.33
C SER D 29 9.06 9.38 -44.31
N ARG D 40 16.32 11.22 -47.16
CA ARG D 40 16.78 10.36 -46.07
C ARG D 40 15.60 9.76 -45.28
N GLY D 41 15.93 8.97 -44.26
CA GLY D 41 14.94 8.35 -43.39
C GLY D 41 15.19 8.64 -41.91
N ILE D 42 14.28 8.17 -41.06
CA ILE D 42 14.37 8.39 -39.61
C ILE D 42 15.51 7.61 -38.95
N VAL D 43 15.81 6.42 -39.49
CA VAL D 43 16.90 5.58 -38.96
C VAL D 43 18.25 6.27 -39.19
N GLU D 44 18.34 7.01 -40.28
CA GLU D 44 19.54 7.79 -40.60
C GLU D 44 19.69 9.02 -39.72
N GLU D 45 18.55 9.58 -39.31
CA GLU D 45 18.53 10.84 -38.56
C GLU D 45 18.69 10.66 -37.05
N CYS D 46 18.19 9.54 -36.54
CA CYS D 46 18.16 9.31 -35.09
C CYS D 46 18.99 8.11 -34.62
N CYS D 47 19.24 7.16 -35.52
CA CYS D 47 20.05 6.00 -35.20
C CYS D 47 21.47 6.12 -35.74
N PHE D 48 21.61 6.53 -37.00
CA PHE D 48 22.92 6.80 -37.59
C PHE D 48 23.58 8.03 -36.95
N ARG D 49 22.74 8.96 -36.49
CA ARG D 49 23.19 10.17 -35.81
C ARG D 49 22.43 10.34 -34.49
N SER D 50 22.27 11.59 -34.07
CA SER D 50 21.46 11.93 -32.90
C SER D 50 20.46 13.02 -33.25
N CYS D 51 19.22 12.83 -32.83
CA CYS D 51 18.15 13.78 -33.09
C CYS D 51 17.46 14.18 -31.79
N ASP D 52 16.56 15.15 -31.86
CA ASP D 52 15.68 15.49 -30.75
C ASP D 52 14.28 14.91 -30.97
N LEU D 53 13.44 14.97 -29.94
CA LEU D 53 12.08 14.44 -30.01
C LEU D 53 11.16 15.26 -30.92
N ALA D 54 11.62 16.45 -31.31
CA ALA D 54 10.92 17.28 -32.28
C ALA D 54 11.20 16.77 -33.70
N LEU D 55 12.44 16.38 -33.97
CA LEU D 55 12.82 15.72 -35.22
C LEU D 55 12.34 14.27 -35.25
N LEU D 56 11.59 13.89 -34.22
CA LEU D 56 11.01 12.56 -34.12
C LEU D 56 9.51 12.63 -34.38
N GLU D 57 8.85 13.67 -33.84
CA GLU D 57 7.42 13.87 -34.02
C GLU D 57 7.08 14.43 -35.41
N THR D 58 8.11 14.77 -36.17
CA THR D 58 7.94 15.12 -37.58
C THR D 58 7.59 13.88 -38.39
N TYR D 59 7.96 12.71 -37.87
CA TYR D 59 7.66 11.42 -38.48
C TYR D 59 6.38 10.76 -37.97
N CYS D 60 5.65 11.47 -37.11
CA CYS D 60 4.33 11.02 -36.67
C CYS D 60 3.31 11.24 -37.78
N ALA D 61 2.44 10.25 -37.99
CA ALA D 61 1.41 10.32 -39.02
C ALA D 61 0.39 11.39 -38.69
N THR D 62 0.05 12.18 -39.70
CA THR D 62 -0.86 13.32 -39.57
C THR D 62 -2.18 12.97 -38.87
N PRO D 63 -2.51 13.69 -37.78
CA PRO D 63 -3.79 13.52 -37.07
C PRO D 63 -4.96 14.08 -37.87
C1 NAG E . -58.09 16.62 -5.10
C2 NAG E . -58.86 17.56 -4.17
C3 NAG E . -58.37 17.41 -2.72
C4 NAG E . -58.33 15.94 -2.28
C5 NAG E . -57.58 15.09 -3.31
C6 NAG E . -57.59 13.58 -3.01
C7 NAG E . -59.37 19.98 -4.32
C8 NAG E . -60.53 20.27 -5.22
N2 NAG E . -58.61 18.93 -4.63
O3 NAG E . -59.22 18.11 -1.85
O4 NAG E . -57.76 15.90 -0.99
O5 NAG E . -58.08 15.28 -4.62
O6 NAG E . -58.89 13.05 -3.15
O7 NAG E . -59.14 20.70 -3.35
C1 NAG E . -58.38 14.86 -0.18
C2 NAG E . -57.36 14.27 0.80
C3 NAG E . -58.01 13.11 1.56
C4 NAG E . -59.34 13.53 2.20
C5 NAG E . -60.24 14.17 1.14
C6 NAG E . -61.56 14.69 1.72
C7 NAG E . -55.10 13.26 0.54
C8 NAG E . -54.74 11.91 -0.01
N2 NAG E . -56.21 13.83 0.03
O3 NAG E . -57.14 12.66 2.57
O4 NAG E . -59.97 12.37 2.69
O5 NAG E . -59.59 15.24 0.45
O6 NAG E . -62.52 13.65 1.67
O7 NAG E . -54.41 13.79 1.42
C1 BMA E . -60.06 12.33 4.13
C2 BMA E . -61.43 11.75 4.51
C3 BMA E . -61.54 11.46 6.02
C4 BMA E . -60.28 10.81 6.60
C5 BMA E . -59.02 11.55 6.13
C6 BMA E . -57.75 10.85 6.63
O2 BMA E . -61.67 10.57 3.78
O3 BMA E . -62.66 10.65 6.27
O4 BMA E . -60.35 10.84 8.00
O5 BMA E . -59.00 11.59 4.71
O6 BMA E . -56.67 11.76 6.59
C1 NAG F . -32.59 32.53 -0.95
C2 NAG F . -32.68 32.55 -2.49
C3 NAG F . -33.68 33.59 -3.00
C4 NAG F . -35.02 33.46 -2.30
C5 NAG F . -34.84 33.41 -0.77
C6 NAG F . -36.16 33.14 -0.06
C7 NAG F . -30.64 32.00 -3.72
C8 NAG F . -30.63 32.18 -5.21
N2 NAG F . -31.37 32.87 -3.03
O3 NAG F . -33.86 33.43 -4.40
O4 NAG F . -35.87 34.53 -2.67
O5 NAG F . -33.88 32.45 -0.37
O6 NAG F . -36.93 34.32 -0.04
O7 NAG F . -29.97 31.12 -3.18
C1 NAG G . 0.84 33.89 -3.92
C2 NAG G . 2.08 33.00 -4.10
C3 NAG G . 2.17 31.95 -3.00
C4 NAG G . 2.12 32.63 -1.64
C5 NAG G . 0.91 33.54 -1.53
C6 NAG G . 0.91 34.31 -0.21
C7 NAG G . 3.23 32.35 -6.14
C8 NAG G . 3.55 33.56 -6.99
N2 NAG G . 2.11 32.39 -5.43
O3 NAG G . 3.35 31.20 -3.13
O4 NAG G . 2.12 31.64 -0.63
O5 NAG G . 0.86 34.47 -2.61
O6 NAG G . -0.11 35.29 -0.20
O7 NAG G . 4.01 31.40 -6.12
C1 NAG H . 6.26 8.62 30.29
C2 NAG H . 5.63 8.85 28.91
C3 NAG H . 4.80 10.14 28.89
C4 NAG H . 3.80 10.15 30.05
C5 NAG H . 4.50 9.87 31.38
C6 NAG H . 3.50 9.74 32.53
C7 NAG H . 6.51 8.33 26.68
C8 NAG H . 6.36 9.25 25.49
N2 NAG H . 6.64 8.91 27.88
O3 NAG H . 4.09 10.27 27.68
O4 NAG H . 3.14 11.40 30.08
O5 NAG H . 5.28 8.68 31.31
O6 NAG H . 4.01 10.34 33.70
O7 NAG H . 6.49 7.12 26.51
C1 NAG I . 38.36 3.17 21.23
C2 NAG I . 39.52 2.34 20.64
C3 NAG I . 40.00 1.28 21.63
C4 NAG I . 40.32 1.94 22.98
C5 NAG I . 39.13 2.77 23.48
C6 NAG I . 39.49 3.54 24.75
C7 NAG I . 39.78 1.96 18.22
C8 NAG I . 40.07 3.37 17.82
N2 NAG I . 39.14 1.73 19.37
O3 NAG I . 41.16 0.66 21.16
O4 NAG I . 40.63 0.92 23.92
O5 NAG I . 38.73 3.70 22.49
O6 NAG I . 39.66 2.67 25.83
O7 NAG I . 40.13 1.03 17.48
C1 NAG J . -22.82 -1.06 31.17
C2 NAG J . -23.20 0.36 31.61
C3 NAG J . -22.56 0.67 32.97
C4 NAG J . -22.84 -0.42 34.01
C5 NAG J . -22.46 -1.80 33.44
C6 NAG J . -22.84 -2.92 34.41
C7 NAG J . -23.43 2.39 30.22
C8 NAG J . -24.25 2.25 28.98
N2 NAG J . -22.73 1.32 30.62
O3 NAG J . -23.05 1.90 33.44
O4 NAG J . -22.10 -0.16 35.17
O5 NAG J . -23.07 -2.03 32.18
O6 NAG J . -21.78 -3.12 35.33
O7 NAG J . -23.38 3.47 30.82
#